data_5YD3
#
_entry.id   5YD3
#
_cell.length_a   80.480
_cell.length_b   72.970
_cell.length_c   86.990
_cell.angle_alpha   90.00
_cell.angle_beta   114.30
_cell.angle_gamma   90.00
#
_symmetry.space_group_name_H-M   'P 1 21 1'
#
loop_
_entity.id
_entity.type
_entity.pdbx_description
1 polymer 'scFv 4B08'
2 polymer 'Epitope peptide'
3 non-polymer 'SULFATE ION'
4 non-polymer GLYCEROL
5 water water
#
loop_
_entity_poly.entity_id
_entity_poly.type
_entity_poly.pdbx_seq_one_letter_code
_entity_poly.pdbx_strand_id
1 'polypeptide(L)'
;EVQLQQSGAELVRPGTSVKMSCKAAGYTFTKYWIGWVKQRPGHGLEWIGDIHPGSFYSNYNEKFKGKATLTADTSSSTAY
MQLSSLTSEDSAIYYCARDYYTNYGDWGQGTSVTVSSAGGGGSGGGGSGGGGSGGGGSDIVMTQAAPSVSVTPGESVSIS
CRSSKSLLHRNGNTYLFWFLQRPGQSPQLLIYRMSNLASGVPDRFSGSGSGTAFTLRISRVEAEDVGVYYCMQHLEYPYT
FGSGTKLELKV
;
A,C,E,G
2 'polypeptide(L)' DINYYTSEP B,D,F,H
#
# COMPACT_ATOMS: atom_id res chain seq x y z
N GLU A 1 -11.99 -28.81 -1.68
CA GLU A 1 -13.06 -27.79 -1.72
C GLU A 1 -13.33 -27.43 -3.17
N VAL A 2 -14.57 -27.07 -3.47
CA VAL A 2 -14.89 -26.56 -4.78
C VAL A 2 -14.35 -25.15 -4.89
N GLN A 3 -13.76 -24.90 -6.04
CA GLN A 3 -13.28 -23.55 -6.38
C GLN A 3 -13.75 -23.16 -7.77
N LEU A 4 -14.24 -21.92 -7.88
CA LEU A 4 -14.55 -21.35 -9.16
C LEU A 4 -13.77 -20.05 -9.23
N GLN A 5 -12.86 -19.99 -10.19
CA GLN A 5 -11.91 -18.88 -10.26
C GLN A 5 -12.06 -18.17 -11.60
N GLN A 6 -12.62 -16.96 -11.53
CA GLN A 6 -12.98 -16.21 -12.74
C GLN A 6 -11.86 -15.30 -13.19
N SER A 7 -11.91 -14.97 -14.47
CA SER A 7 -10.95 -14.08 -15.10
C SER A 7 -11.19 -12.64 -14.70
N GLY A 8 -10.18 -11.82 -14.97
CA GLY A 8 -10.11 -10.47 -14.42
C GLY A 8 -11.03 -9.44 -15.03
N ALA A 9 -11.07 -8.31 -14.35
CA ALA A 9 -11.90 -7.23 -14.77
C ALA A 9 -11.56 -6.77 -16.19
N GLU A 10 -12.61 -6.32 -16.90
CA GLU A 10 -12.50 -5.89 -18.27
C GLU A 10 -13.05 -4.47 -18.38
N LEU A 11 -12.33 -3.63 -19.10
CA LEU A 11 -12.76 -2.28 -19.44
C LEU A 11 -12.85 -2.26 -20.94
N VAL A 12 -14.06 -2.14 -21.46
CA VAL A 12 -14.33 -2.34 -22.88
C VAL A 12 -15.19 -1.24 -23.44
N ARG A 13 -15.21 -1.14 -24.77
CA ARG A 13 -15.97 -0.05 -25.43
C ARG A 13 -17.26 -0.56 -26.03
N PRO A 14 -18.24 0.31 -26.19
CA PRO A 14 -19.49 -0.15 -26.81
C PRO A 14 -19.30 -0.75 -28.20
N GLY A 15 -20.09 -1.78 -28.50
CA GLY A 15 -20.11 -2.32 -29.83
C GLY A 15 -19.15 -3.46 -30.02
N THR A 16 -18.42 -3.81 -28.98
CA THR A 16 -17.44 -4.85 -29.02
C THR A 16 -18.00 -6.11 -28.37
N SER A 17 -17.20 -7.18 -28.37
CA SER A 17 -17.51 -8.40 -27.62
C SER A 17 -16.48 -8.61 -26.54
N VAL A 18 -16.85 -9.34 -25.50
CA VAL A 18 -15.92 -9.80 -24.51
C VAL A 18 -16.19 -11.25 -24.15
N LYS A 19 -15.13 -11.98 -23.85
CA LYS A 19 -15.25 -13.36 -23.40
C LYS A 19 -14.52 -13.57 -22.10
N MET A 20 -15.23 -14.08 -21.11
CA MET A 20 -14.72 -14.23 -19.73
C MET A 20 -14.74 -15.72 -19.36
N SER A 21 -13.92 -16.09 -18.40
CA SER A 21 -13.65 -17.48 -18.01
CA SER A 21 -13.79 -17.48 -18.06
C SER A 21 -13.99 -17.76 -16.57
N CYS A 22 -14.30 -19.02 -16.30
CA CYS A 22 -14.61 -19.52 -14.98
C CYS A 22 -13.95 -20.89 -14.86
N LYS A 23 -12.78 -20.92 -14.21
CA LYS A 23 -12.02 -22.15 -14.07
C LYS A 23 -12.50 -22.89 -12.82
N ALA A 24 -12.92 -24.14 -13.03
CA ALA A 24 -13.45 -24.97 -11.98
C ALA A 24 -12.41 -25.96 -11.46
N ALA A 25 -12.49 -26.20 -10.17
CA ALA A 25 -11.64 -27.24 -9.55
C ALA A 25 -12.35 -27.81 -8.31
N GLY A 26 -11.95 -29.02 -7.92
CA GLY A 26 -12.36 -29.59 -6.64
C GLY A 26 -13.62 -30.45 -6.70
N TYR A 27 -14.05 -30.74 -7.91
CA TYR A 27 -15.21 -31.60 -8.19
C TYR A 27 -15.17 -32.03 -9.65
N THR A 28 -16.06 -32.96 -10.04
CA THR A 28 -16.11 -33.45 -11.40
C THR A 28 -16.84 -32.46 -12.30
N PHE A 29 -16.05 -31.76 -13.12
CA PHE A 29 -16.54 -30.65 -13.96
C PHE A 29 -17.71 -31.04 -14.84
N THR A 30 -17.68 -32.26 -15.39
CA THR A 30 -18.68 -32.66 -16.35
C THR A 30 -19.96 -33.18 -15.71
N LYS A 31 -20.05 -33.14 -14.38
CA LYS A 31 -21.21 -33.70 -13.67
C LYS A 31 -22.31 -32.68 -13.35
N TYR A 32 -21.96 -31.39 -13.21
CA TYR A 32 -22.87 -30.36 -12.69
C TYR A 32 -23.06 -29.20 -13.66
N TRP A 33 -24.29 -28.68 -13.70
CA TRP A 33 -24.57 -27.44 -14.37
C TRP A 33 -23.80 -26.26 -13.74
N ILE A 34 -23.38 -25.35 -14.61
CA ILE A 34 -22.83 -24.05 -14.22
C ILE A 34 -23.81 -22.99 -14.72
N GLY A 35 -24.25 -22.15 -13.79
CA GLY A 35 -25.10 -20.99 -14.10
C GLY A 35 -24.32 -19.71 -14.08
N TRP A 36 -24.88 -18.72 -14.79
CA TRP A 36 -24.26 -17.41 -14.87
C TRP A 36 -25.26 -16.36 -14.47
N VAL A 37 -24.78 -15.40 -13.64
CA VAL A 37 -25.62 -14.41 -12.97
C VAL A 37 -25.03 -13.03 -13.17
N LYS A 38 -25.87 -12.04 -13.50
CA LYS A 38 -25.48 -10.66 -13.72
C LYS A 38 -25.90 -9.79 -12.53
N GLN A 39 -24.95 -9.01 -12.00
CA GLN A 39 -25.18 -8.06 -10.91
C GLN A 39 -24.90 -6.67 -11.42
N ARG A 40 -25.95 -5.94 -11.73
CA ARG A 40 -25.83 -4.64 -12.32
C ARG A 40 -26.39 -3.69 -11.27
N PRO A 41 -25.66 -2.59 -11.01
CA PRO A 41 -26.17 -1.69 -10.00
C PRO A 41 -27.61 -1.19 -10.27
N GLY A 42 -28.41 -1.22 -9.21
CA GLY A 42 -29.86 -0.94 -9.28
C GLY A 42 -30.77 -2.02 -9.85
N HIS A 43 -30.17 -3.14 -10.26
CA HIS A 43 -30.91 -4.21 -10.92
C HIS A 43 -30.63 -5.56 -10.25
N GLY A 44 -30.22 -5.54 -8.98
CA GLY A 44 -30.15 -6.77 -8.19
C GLY A 44 -29.31 -7.85 -8.83
N LEU A 45 -29.89 -9.03 -8.93
CA LEU A 45 -29.29 -10.20 -9.59
C LEU A 45 -30.22 -10.69 -10.68
N GLU A 46 -29.67 -11.10 -11.79
CA GLU A 46 -30.42 -11.54 -12.99
C GLU A 46 -29.75 -12.78 -13.54
N TRP A 47 -30.54 -13.82 -13.80
CA TRP A 47 -29.99 -15.11 -14.23
C TRP A 47 -29.90 -15.13 -15.75
N ILE A 48 -28.72 -15.45 -16.31
CA ILE A 48 -28.47 -15.42 -17.72
C ILE A 48 -28.77 -16.75 -18.39
N GLY A 49 -28.28 -17.83 -17.82
CA GLY A 49 -28.38 -19.15 -18.43
C GLY A 49 -27.51 -20.13 -17.72
N ASP A 50 -27.58 -21.39 -18.19
CA ASP A 50 -26.71 -22.42 -17.63
C ASP A 50 -26.23 -23.37 -18.70
N ILE A 51 -25.18 -24.11 -18.34
CA ILE A 51 -24.56 -25.07 -19.27
C ILE A 51 -24.13 -26.29 -18.49
N HIS A 52 -24.30 -27.44 -19.18
CA HIS A 52 -23.85 -28.70 -18.63
C HIS A 52 -22.57 -29.08 -19.36
N PRO A 53 -21.43 -29.11 -18.66
CA PRO A 53 -20.20 -29.33 -19.45
C PRO A 53 -20.04 -30.75 -19.96
N GLY A 54 -20.83 -31.70 -19.46
CA GLY A 54 -20.83 -33.06 -20.00
C GLY A 54 -21.48 -33.13 -21.38
N SER A 55 -22.69 -32.63 -21.51
CA SER A 55 -23.44 -32.68 -22.75
C SER A 55 -23.20 -31.51 -23.64
N PHE A 56 -22.66 -30.43 -23.05
CA PHE A 56 -22.52 -29.14 -23.73
C PHE A 56 -23.83 -28.42 -24.00
N TYR A 57 -24.91 -28.93 -23.43
CA TYR A 57 -26.23 -28.33 -23.67
C TYR A 57 -26.33 -27.09 -22.81
N SER A 58 -26.85 -26.04 -23.40
CA SER A 58 -27.06 -24.78 -22.69
CA SER A 58 -27.07 -24.82 -22.65
C SER A 58 -28.52 -24.38 -22.73
N ASN A 59 -28.94 -23.70 -21.67
CA ASN A 59 -30.26 -23.09 -21.60
C ASN A 59 -30.12 -21.60 -21.29
N TYR A 60 -30.91 -20.74 -21.93
CA TYR A 60 -30.74 -19.31 -21.77
C TYR A 60 -32.06 -18.69 -21.29
N ASN A 61 -31.96 -17.69 -20.42
CA ASN A 61 -33.01 -16.71 -20.28
C ASN A 61 -33.24 -16.09 -21.64
N GLU A 62 -34.48 -16.05 -22.08
CA GLU A 62 -34.78 -15.45 -23.38
C GLU A 62 -34.24 -14.08 -23.53
N LYS A 63 -34.18 -13.35 -22.42
CA LYS A 63 -33.64 -11.97 -22.45
C LYS A 63 -32.19 -11.88 -22.92
N PHE A 64 -31.49 -13.01 -22.90
CA PHE A 64 -30.07 -13.06 -23.29
C PHE A 64 -29.79 -13.88 -24.53
N LYS A 65 -30.85 -14.35 -25.20
CA LYS A 65 -30.66 -15.10 -26.46
C LYS A 65 -30.32 -14.15 -27.57
N GLY A 66 -29.07 -14.22 -28.00
CA GLY A 66 -28.47 -13.24 -28.88
C GLY A 66 -27.53 -12.23 -28.25
N LYS A 67 -27.35 -12.30 -26.94
CA LYS A 67 -26.44 -11.46 -26.18
C LYS A 67 -25.32 -12.31 -25.63
N ALA A 68 -25.64 -13.40 -24.93
CA ALA A 68 -24.69 -14.22 -24.23
C ALA A 68 -24.56 -15.57 -24.89
N THR A 69 -23.33 -16.09 -24.95
CA THR A 69 -23.06 -17.45 -25.41
C THR A 69 -22.24 -18.18 -24.39
N LEU A 70 -22.72 -19.32 -23.91
CA LEU A 70 -22.04 -20.14 -22.92
C LEU A 70 -21.36 -21.31 -23.60
N THR A 71 -20.10 -21.54 -23.27
CA THR A 71 -19.36 -22.70 -23.75
C THR A 71 -18.56 -23.30 -22.58
N ALA A 72 -17.98 -24.47 -22.81
CA ALA A 72 -17.16 -25.15 -21.86
C ALA A 72 -16.03 -25.88 -22.56
N ASP A 73 -14.90 -25.92 -21.89
CA ASP A 73 -13.73 -26.71 -22.36
C ASP A 73 -13.43 -27.74 -21.27
N THR A 74 -13.68 -29.00 -21.60
CA THR A 74 -13.47 -30.04 -20.65
C THR A 74 -11.98 -30.32 -20.43
N SER A 75 -11.09 -29.95 -21.36
CA SER A 75 -9.65 -30.20 -21.15
C SER A 75 -9.08 -29.33 -20.03
N SER A 76 -9.61 -28.13 -19.89
CA SER A 76 -9.09 -27.18 -18.91
C SER A 76 -10.09 -26.96 -17.78
N SER A 77 -11.19 -27.71 -17.75
CA SER A 77 -12.27 -27.50 -16.76
C SER A 77 -12.65 -26.02 -16.61
N THR A 78 -12.90 -25.41 -17.76
CA THR A 78 -13.26 -23.99 -17.80
C THR A 78 -14.55 -23.76 -18.55
N ALA A 79 -15.41 -22.94 -17.92
CA ALA A 79 -16.63 -22.44 -18.53
C ALA A 79 -16.40 -21.03 -19.00
N TYR A 80 -16.99 -20.68 -20.11
CA TYR A 80 -16.85 -19.35 -20.70
C TYR A 80 -18.16 -18.71 -20.97
N MET A 81 -18.20 -17.38 -20.94
CA MET A 81 -19.34 -16.62 -21.41
C MET A 81 -18.85 -15.49 -22.28
N GLN A 82 -19.43 -15.39 -23.44
CA GLN A 82 -19.12 -14.32 -24.41
C GLN A 82 -20.35 -13.42 -24.53
N LEU A 83 -20.15 -12.12 -24.46
CA LEU A 83 -21.19 -11.13 -24.63
C LEU A 83 -20.87 -10.36 -25.90
N SER A 84 -21.87 -10.15 -26.74
CA SER A 84 -21.72 -9.41 -28.00
C SER A 84 -22.42 -8.08 -27.93
N SER A 85 -22.11 -7.21 -28.88
CA SER A 85 -22.79 -5.90 -28.99
C SER A 85 -22.89 -5.17 -27.68
N LEU A 86 -21.70 -4.94 -27.07
CA LEU A 86 -21.70 -4.39 -25.72
C LEU A 86 -22.31 -2.99 -25.65
N THR A 87 -23.09 -2.76 -24.60
CA THR A 87 -23.72 -1.50 -24.37
C THR A 87 -23.57 -1.16 -22.89
N SER A 88 -23.97 0.05 -22.52
CA SER A 88 -23.91 0.46 -21.10
C SER A 88 -24.69 -0.47 -20.20
N GLU A 89 -25.74 -1.09 -20.74
CA GLU A 89 -26.63 -2.03 -20.00
CA GLU A 89 -26.56 -1.95 -19.88
C GLU A 89 -25.85 -3.27 -19.57
N ASP A 90 -24.74 -3.55 -20.29
CA ASP A 90 -23.93 -4.72 -19.99
C ASP A 90 -22.86 -4.48 -18.91
N SER A 91 -22.66 -3.24 -18.46
N SER A 91 -22.69 -3.26 -18.47
CA SER A 91 -21.73 -2.96 -17.36
CA SER A 91 -21.70 -2.92 -17.48
C SER A 91 -22.30 -3.58 -16.12
C SER A 91 -22.19 -3.43 -16.10
N ALA A 92 -21.53 -4.47 -15.57
CA ALA A 92 -22.04 -5.32 -14.47
C ALA A 92 -20.94 -6.21 -13.98
N ILE A 93 -21.16 -6.85 -12.83
CA ILE A 93 -20.32 -7.96 -12.39
C ILE A 93 -21.06 -9.23 -12.76
N TYR A 94 -20.31 -10.17 -13.33
CA TYR A 94 -20.86 -11.46 -13.78
C TYR A 94 -20.26 -12.63 -13.02
N TYR A 95 -21.11 -13.47 -12.46
CA TYR A 95 -20.70 -14.62 -11.64
C TYR A 95 -21.00 -15.91 -12.36
N CYS A 96 -20.12 -16.88 -12.19
CA CYS A 96 -20.47 -18.27 -12.41
C CYS A 96 -20.76 -18.95 -11.09
N ALA A 97 -21.61 -19.97 -11.14
CA ALA A 97 -21.98 -20.70 -9.92
C ALA A 97 -22.25 -22.14 -10.28
N ARG A 98 -21.79 -23.03 -9.40
CA ARG A 98 -22.08 -24.47 -9.61
C ARG A 98 -23.46 -24.82 -9.03
N ASP A 99 -24.26 -25.51 -9.84
CA ASP A 99 -25.60 -25.99 -9.45
C ASP A 99 -25.46 -27.39 -8.83
N TYR A 100 -25.64 -27.48 -7.53
CA TYR A 100 -25.54 -28.74 -6.81
C TYR A 100 -26.95 -29.17 -6.45
N TYR A 101 -27.57 -29.99 -7.31
CA TYR A 101 -28.93 -30.46 -7.04
C TYR A 101 -29.93 -29.36 -6.75
N THR A 102 -29.81 -28.27 -7.53
CA THR A 102 -30.58 -27.03 -7.51
C THR A 102 -30.05 -25.95 -6.58
N ASN A 103 -29.02 -26.27 -5.78
CA ASN A 103 -28.39 -25.30 -4.91
C ASN A 103 -27.25 -24.58 -5.60
N TYR A 104 -27.35 -23.26 -5.73
CA TYR A 104 -26.18 -22.47 -6.16
C TYR A 104 -25.33 -22.20 -4.91
N GLY A 105 -24.55 -23.21 -4.46
CA GLY A 105 -23.78 -23.09 -3.25
C GLY A 105 -22.35 -22.68 -3.45
N ASP A 106 -21.82 -22.78 -4.65
CA ASP A 106 -20.45 -22.40 -4.93
C ASP A 106 -20.48 -21.34 -5.99
N TRP A 107 -19.84 -20.21 -5.70
CA TRP A 107 -19.85 -19.06 -6.59
C TRP A 107 -18.40 -18.66 -6.91
N GLY A 108 -18.14 -18.22 -8.12
CA GLY A 108 -16.91 -17.51 -8.48
C GLY A 108 -16.87 -16.18 -7.78
N GLN A 109 -15.73 -15.51 -7.89
CA GLN A 109 -15.57 -14.21 -7.26
C GLN A 109 -16.11 -13.06 -8.10
N GLY A 110 -16.54 -13.34 -9.33
CA GLY A 110 -17.13 -12.37 -10.23
C GLY A 110 -16.10 -11.79 -11.16
N THR A 111 -16.56 -11.43 -12.34
CA THR A 111 -15.78 -10.64 -13.29
C THR A 111 -16.51 -9.34 -13.54
N SER A 112 -15.87 -8.21 -13.25
CA SER A 112 -16.43 -6.90 -13.56
C SER A 112 -16.21 -6.58 -15.01
N VAL A 113 -17.25 -6.18 -15.72
CA VAL A 113 -17.15 -5.66 -17.09
C VAL A 113 -17.64 -4.23 -17.00
N THR A 114 -16.78 -3.28 -17.40
CA THR A 114 -17.14 -1.86 -17.45
C THR A 114 -17.16 -1.49 -18.93
N VAL A 115 -18.33 -1.05 -19.41
CA VAL A 115 -18.50 -0.59 -20.78
C VAL A 115 -18.44 0.93 -20.74
N SER A 116 -17.42 1.53 -21.34
CA SER A 116 -17.21 2.99 -21.23
C SER A 116 -18.31 3.82 -21.92
N GLY A 136 -40.06 -12.27 -19.50
CA GLY A 136 -41.17 -13.00 -20.11
C GLY A 136 -42.45 -12.91 -19.31
N GLY A 137 -43.59 -12.85 -20.01
CA GLY A 137 -44.89 -12.77 -19.36
C GLY A 137 -45.21 -13.93 -18.42
N SER A 138 -44.72 -15.11 -18.75
CA SER A 138 -44.94 -16.29 -17.91
C SER A 138 -43.81 -16.48 -16.91
N ASP A 139 -42.80 -15.58 -16.89
CA ASP A 139 -41.70 -15.79 -15.94
C ASP A 139 -42.23 -15.61 -14.54
N ILE A 140 -41.63 -16.35 -13.60
CA ILE A 140 -42.03 -16.22 -12.19
C ILE A 140 -41.46 -14.94 -11.64
N VAL A 141 -42.29 -14.08 -11.08
CA VAL A 141 -41.87 -12.77 -10.52
C VAL A 141 -41.68 -12.94 -9.03
N MET A 142 -40.48 -12.62 -8.57
CA MET A 142 -40.14 -12.70 -7.18
C MET A 142 -40.09 -11.27 -6.63
N THR A 143 -40.82 -11.02 -5.56
CA THR A 143 -40.88 -9.66 -5.04
C THR A 143 -40.43 -9.64 -3.58
N GLN A 144 -39.74 -8.58 -3.21
CA GLN A 144 -39.26 -8.31 -1.86
C GLN A 144 -39.71 -6.89 -1.55
N ALA A 145 -40.75 -6.78 -0.75
CA ALA A 145 -41.37 -5.46 -0.55
C ALA A 145 -40.46 -4.44 0.13
N ALA A 146 -39.60 -4.89 1.04
CA ALA A 146 -38.73 -3.96 1.78
C ALA A 146 -37.43 -3.74 1.05
N PRO A 147 -37.10 -2.50 0.68
CA PRO A 147 -35.77 -2.30 0.08
C PRO A 147 -34.65 -2.49 1.10
N SER A 148 -34.94 -2.23 2.38
CA SER A 148 -33.92 -2.33 3.41
C SER A 148 -34.49 -2.72 4.77
N VAL A 149 -33.62 -3.25 5.61
CA VAL A 149 -33.90 -3.39 7.04
C VAL A 149 -32.73 -2.81 7.81
N SER A 150 -33.05 -2.05 8.87
CA SER A 150 -32.06 -1.29 9.66
C SER A 150 -32.22 -1.81 11.06
N VAL A 151 -31.17 -2.42 11.61
CA VAL A 151 -31.25 -3.10 12.86
C VAL A 151 -30.04 -2.80 13.77
N THR A 152 -30.16 -3.14 15.03
CA THR A 152 -29.01 -2.98 15.94
C THR A 152 -28.51 -4.37 16.24
N PRO A 153 -27.21 -4.51 16.46
CA PRO A 153 -26.69 -5.84 16.77
C PRO A 153 -27.38 -6.52 17.93
N GLY A 154 -27.67 -7.81 17.76
CA GLY A 154 -28.37 -8.60 18.74
C GLY A 154 -29.87 -8.67 18.50
N GLU A 155 -30.43 -7.73 17.70
CA GLU A 155 -31.85 -7.77 17.34
C GLU A 155 -32.07 -9.02 16.43
N SER A 156 -33.31 -9.49 16.40
CA SER A 156 -33.79 -10.41 15.40
C SER A 156 -34.49 -9.65 14.30
N VAL A 157 -34.55 -10.22 13.09
CA VAL A 157 -35.18 -9.57 11.94
C VAL A 157 -35.83 -10.60 11.03
N SER A 158 -36.91 -10.16 10.40
CA SER A 158 -37.61 -10.96 9.38
C SER A 158 -37.54 -10.24 8.07
N ILE A 159 -37.31 -11.00 6.98
CA ILE A 159 -37.26 -10.46 5.63
C ILE A 159 -38.25 -11.27 4.77
N SER A 160 -39.15 -10.56 4.09
CA SER A 160 -40.18 -11.18 3.29
CA SER A 160 -40.18 -11.20 3.31
C SER A 160 -39.87 -11.26 1.80
N CYS A 161 -40.46 -12.28 1.18
CA CYS A 161 -40.41 -12.46 -0.24
C CYS A 161 -41.74 -13.09 -0.71
N ARG A 162 -42.14 -12.83 -1.94
CA ARG A 162 -43.31 -13.48 -2.52
CA ARG A 162 -43.32 -13.45 -2.51
C ARG A 162 -42.99 -13.94 -3.92
N SER A 163 -43.63 -15.03 -4.34
CA SER A 163 -43.50 -15.54 -5.70
C SER A 163 -44.83 -15.44 -6.40
N SER A 164 -44.81 -15.20 -7.72
CA SER A 164 -46.06 -15.03 -8.46
C SER A 164 -46.78 -16.32 -8.75
N LYS A 165 -46.14 -17.48 -8.55
CA LYS A 165 -46.82 -18.74 -8.59
C LYS A 165 -46.19 -19.64 -7.54
N SER A 166 -46.92 -20.66 -7.16
CA SER A 166 -46.41 -21.64 -6.20
C SER A 166 -45.04 -22.17 -6.65
N LEU A 167 -44.13 -22.29 -5.68
CA LEU A 167 -42.82 -22.90 -5.92
C LEU A 167 -42.78 -24.35 -5.47
N LEU A 168 -43.95 -24.92 -5.12
CA LEU A 168 -44.05 -26.34 -4.72
C LEU A 168 -44.04 -27.23 -5.94
N HIS A 169 -43.17 -28.20 -5.97
CA HIS A 169 -42.99 -29.17 -7.04
C HIS A 169 -43.75 -30.46 -6.70
N ARG A 170 -44.02 -31.24 -7.72
CA ARG A 170 -44.64 -32.53 -7.53
C ARG A 170 -43.85 -33.46 -6.60
N ASN A 171 -42.54 -33.26 -6.55
CA ASN A 171 -41.71 -34.10 -5.67
C ASN A 171 -41.83 -33.77 -4.19
N GLY A 172 -42.50 -32.68 -3.87
CA GLY A 172 -42.75 -32.31 -2.48
C GLY A 172 -41.89 -31.19 -1.95
N ASN A 173 -40.84 -30.84 -2.69
CA ASN A 173 -39.97 -29.74 -2.36
C ASN A 173 -40.46 -28.41 -2.87
N THR A 174 -40.20 -27.34 -2.13
CA THR A 174 -40.53 -25.98 -2.54
C THR A 174 -39.24 -25.26 -2.90
N TYR A 175 -39.11 -24.87 -4.18
CA TYR A 175 -37.83 -24.45 -4.75
C TYR A 175 -37.55 -22.96 -4.59
N LEU A 176 -37.53 -22.55 -3.32
CA LEU A 176 -37.23 -21.18 -2.92
C LEU A 176 -35.87 -21.19 -2.21
N PHE A 177 -35.03 -20.19 -2.52
CA PHE A 177 -33.66 -20.09 -2.01
C PHE A 177 -33.43 -18.69 -1.50
N TRP A 178 -32.62 -18.60 -0.43
CA TRP A 178 -32.19 -17.31 0.11
C TRP A 178 -30.69 -17.21 0.02
N PHE A 179 -30.24 -16.03 -0.43
CA PHE A 179 -28.82 -15.71 -0.54
C PHE A 179 -28.54 -14.41 0.23
N LEU A 180 -27.31 -14.31 0.73
CA LEU A 180 -26.74 -13.06 1.27
C LEU A 180 -25.57 -12.66 0.43
N GLN A 181 -25.56 -11.42 -0.06
CA GLN A 181 -24.37 -10.90 -0.74
C GLN A 181 -23.78 -9.81 0.20
N ARG A 182 -22.73 -10.19 0.93
CA ARG A 182 -21.99 -9.24 1.79
CA ARG A 182 -22.00 -9.23 1.78
C ARG A 182 -21.28 -8.20 0.95
N PRO A 183 -21.00 -7.04 1.56
CA PRO A 183 -20.38 -5.98 0.77
C PRO A 183 -19.01 -6.42 0.16
N GLY A 184 -18.91 -6.25 -1.15
CA GLY A 184 -17.71 -6.58 -1.92
C GLY A 184 -17.49 -8.05 -2.12
N GLN A 185 -18.52 -8.87 -1.85
CA GLN A 185 -18.37 -10.33 -1.92
C GLN A 185 -19.37 -10.88 -2.93
N SER A 186 -19.17 -12.15 -3.29
CA SER A 186 -20.13 -12.87 -4.08
C SER A 186 -21.31 -13.30 -3.22
N PRO A 187 -22.46 -13.56 -3.86
CA PRO A 187 -23.56 -14.13 -3.09
C PRO A 187 -23.19 -15.45 -2.41
N GLN A 188 -23.79 -15.70 -1.25
CA GLN A 188 -23.68 -16.97 -0.60
CA GLN A 188 -23.66 -16.92 -0.44
C GLN A 188 -25.04 -17.54 -0.26
N LEU A 189 -25.17 -18.84 -0.49
CA LEU A 189 -26.42 -19.53 -0.18
C LEU A 189 -26.63 -19.69 1.31
N LEU A 190 -27.80 -19.29 1.81
CA LEU A 190 -28.16 -19.43 3.20
C LEU A 190 -29.16 -20.55 3.45
N ILE A 191 -30.22 -20.59 2.62
CA ILE A 191 -31.36 -21.48 2.85
C ILE A 191 -31.74 -22.05 1.51
N TYR A 192 -31.91 -23.36 1.42
CA TYR A 192 -32.28 -24.02 0.16
C TYR A 192 -33.59 -24.77 0.31
N ARG A 193 -34.36 -24.82 -0.78
CA ARG A 193 -35.67 -25.50 -0.76
C ARG A 193 -36.49 -25.04 0.46
N MET A 194 -36.63 -23.72 0.55
CA MET A 194 -37.50 -22.99 1.48
C MET A 194 -37.05 -22.94 2.93
N SER A 195 -36.60 -24.07 3.48
CA SER A 195 -36.31 -24.13 4.91
C SER A 195 -34.98 -24.78 5.28
N ASN A 196 -34.29 -25.38 4.33
CA ASN A 196 -33.10 -26.14 4.71
C ASN A 196 -31.87 -25.24 4.88
N LEU A 197 -31.12 -25.45 5.96
CA LEU A 197 -29.99 -24.61 6.25
C LEU A 197 -28.80 -25.10 5.44
N ALA A 198 -28.15 -24.21 4.72
CA ALA A 198 -26.99 -24.58 3.92
C ALA A 198 -25.75 -24.82 4.76
N SER A 199 -24.86 -25.63 4.23
CA SER A 199 -23.62 -25.98 4.94
C SER A 199 -22.83 -24.73 5.25
N GLY A 200 -22.33 -24.66 6.48
CA GLY A 200 -21.48 -23.54 6.86
C GLY A 200 -22.20 -22.30 7.32
N VAL A 201 -23.54 -22.34 7.30
CA VAL A 201 -24.31 -21.17 7.65
C VAL A 201 -24.80 -21.33 9.10
N PRO A 202 -24.69 -20.28 9.92
CA PRO A 202 -25.10 -20.49 11.32
C PRO A 202 -26.61 -20.71 11.47
N ASP A 203 -27.01 -21.43 12.51
CA ASP A 203 -28.44 -21.75 12.63
C ASP A 203 -29.25 -20.59 13.22
N ARG A 204 -28.64 -19.42 13.40
CA ARG A 204 -29.36 -18.17 13.55
C ARG A 204 -30.23 -17.84 12.33
N PHE A 205 -29.91 -18.41 11.17
CA PHE A 205 -30.71 -18.22 9.93
C PHE A 205 -31.73 -19.32 9.82
N SER A 206 -32.96 -18.96 9.50
CA SER A 206 -33.99 -19.96 9.22
C SER A 206 -34.95 -19.43 8.18
N GLY A 207 -35.63 -20.37 7.55
CA GLY A 207 -36.59 -20.02 6.50
C GLY A 207 -37.90 -20.75 6.63
N SER A 208 -38.98 -20.04 6.31
CA SER A 208 -40.30 -20.65 6.33
C SER A 208 -41.09 -20.10 5.16
N GLY A 209 -42.26 -20.68 4.91
CA GLY A 209 -43.10 -20.14 3.87
C GLY A 209 -44.32 -20.97 3.56
N SER A 210 -45.15 -20.42 2.66
CA SER A 210 -46.42 -21.03 2.27
C SER A 210 -46.40 -21.60 0.88
N GLY A 211 -45.26 -21.49 0.19
CA GLY A 211 -45.13 -21.81 -1.24
C GLY A 211 -45.27 -20.64 -2.18
N THR A 212 -45.89 -19.56 -1.71
CA THR A 212 -45.99 -18.30 -2.44
C THR A 212 -45.55 -17.09 -1.65
N ALA A 213 -45.46 -17.22 -0.33
CA ALA A 213 -44.89 -16.15 0.53
C ALA A 213 -43.91 -16.79 1.48
N PHE A 214 -42.81 -16.07 1.72
CA PHE A 214 -41.66 -16.65 2.40
C PHE A 214 -41.07 -15.66 3.37
N THR A 215 -40.43 -16.20 4.40
CA THR A 215 -39.78 -15.36 5.43
C THR A 215 -38.42 -15.94 5.79
N LEU A 216 -37.38 -15.10 5.65
CA LEU A 216 -36.06 -15.40 6.21
C LEU A 216 -36.02 -14.74 7.59
N ARG A 217 -35.69 -15.53 8.62
CA ARG A 217 -35.51 -14.99 9.96
CA ARG A 217 -35.51 -14.99 9.98
C ARG A 217 -34.06 -15.09 10.37
N ILE A 218 -33.55 -14.00 10.91
CA ILE A 218 -32.17 -13.94 11.39
C ILE A 218 -32.23 -13.56 12.85
N SER A 219 -31.81 -14.47 13.73
CA SER A 219 -31.68 -14.12 15.15
CA SER A 219 -31.66 -14.17 15.16
C SER A 219 -30.31 -13.53 15.44
N ARG A 220 -30.27 -12.71 16.49
CA ARG A 220 -29.01 -12.24 17.04
C ARG A 220 -28.08 -11.70 15.96
N VAL A 221 -28.59 -10.72 15.23
CA VAL A 221 -27.88 -10.14 14.09
C VAL A 221 -26.52 -9.61 14.51
N GLU A 222 -25.55 -9.80 13.65
CA GLU A 222 -24.20 -9.34 13.90
C GLU A 222 -23.64 -8.72 12.67
N ALA A 223 -22.50 -8.06 12.83
CA ALA A 223 -21.91 -7.30 11.72
C ALA A 223 -21.67 -8.11 10.46
N GLU A 224 -21.34 -9.40 10.59
CA GLU A 224 -21.11 -10.29 9.44
C GLU A 224 -22.38 -10.49 8.60
N ASP A 225 -23.56 -10.17 9.16
CA ASP A 225 -24.85 -10.34 8.47
C ASP A 225 -25.23 -9.19 7.56
N VAL A 226 -24.45 -8.12 7.62
CA VAL A 226 -24.70 -6.98 6.79
C VAL A 226 -24.51 -7.32 5.30
N GLY A 227 -25.44 -6.84 4.47
CA GLY A 227 -25.39 -7.06 3.01
C GLY A 227 -26.76 -7.13 2.44
N VAL A 228 -26.88 -7.61 1.20
CA VAL A 228 -28.16 -7.67 0.53
C VAL A 228 -28.67 -9.11 0.51
N TYR A 229 -29.91 -9.29 0.99
CA TYR A 229 -30.58 -10.60 0.99
C TYR A 229 -31.49 -10.71 -0.23
N TYR A 230 -31.31 -11.78 -0.99
CA TYR A 230 -32.13 -12.05 -2.16
C TYR A 230 -32.83 -13.39 -2.01
N CYS A 231 -34.11 -13.43 -2.37
CA CYS A 231 -34.75 -14.71 -2.61
C CYS A 231 -34.60 -15.06 -4.10
N MET A 232 -34.77 -16.35 -4.42
CA MET A 232 -34.62 -16.84 -5.83
CA MET A 232 -34.64 -16.81 -5.76
C MET A 232 -35.44 -18.08 -5.92
N GLN A 233 -36.03 -18.26 -7.07
CA GLN A 233 -36.71 -19.52 -7.44
C GLN A 233 -35.87 -20.33 -8.39
N HIS A 234 -35.80 -21.64 -8.14
CA HIS A 234 -35.15 -22.61 -9.05
C HIS A 234 -36.14 -23.70 -9.44
N LEU A 235 -37.40 -23.30 -9.56
CA LEU A 235 -38.43 -24.24 -10.01
C LEU A 235 -38.35 -24.42 -11.52
N GLU A 236 -38.30 -23.31 -12.24
CA GLU A 236 -38.37 -23.39 -13.68
C GLU A 236 -37.62 -22.24 -14.34
N TYR A 237 -37.07 -22.54 -15.51
CA TYR A 237 -36.39 -21.56 -16.30
C TYR A 237 -37.35 -20.47 -16.76
N PRO A 238 -36.91 -19.24 -16.85
CA PRO A 238 -35.61 -18.75 -16.36
C PRO A 238 -35.65 -18.59 -14.86
N TYR A 239 -34.57 -18.95 -14.18
CA TYR A 239 -34.51 -18.69 -12.75
C TYR A 239 -34.55 -17.21 -12.49
N THR A 240 -35.19 -16.79 -11.38
CA THR A 240 -35.49 -15.41 -11.10
C THR A 240 -35.22 -15.09 -9.63
N PHE A 241 -34.75 -13.88 -9.42
CA PHE A 241 -34.41 -13.37 -8.08
C PHE A 241 -35.35 -12.23 -7.70
N GLY A 242 -35.60 -12.08 -6.40
CA GLY A 242 -36.22 -10.90 -5.89
C GLY A 242 -35.33 -9.69 -6.02
N SER A 243 -35.89 -8.53 -5.70
CA SER A 243 -35.16 -7.27 -5.89
C SER A 243 -34.13 -6.97 -4.80
N GLY A 244 -34.14 -7.76 -3.73
CA GLY A 244 -33.17 -7.64 -2.66
C GLY A 244 -33.64 -6.77 -1.51
N THR A 245 -33.20 -7.13 -0.31
CA THR A 245 -33.42 -6.33 0.87
C THR A 245 -32.07 -6.13 1.55
N LYS A 246 -31.61 -4.88 1.63
CA LYS A 246 -30.33 -4.52 2.23
C LYS A 246 -30.45 -4.48 3.71
N LEU A 247 -29.65 -5.24 4.44
CA LEU A 247 -29.58 -5.17 5.89
C LEU A 247 -28.39 -4.30 6.28
N GLU A 248 -28.65 -3.31 7.14
CA GLU A 248 -27.59 -2.45 7.66
CA GLU A 248 -27.57 -2.48 7.68
C GLU A 248 -27.76 -2.27 9.16
N LEU A 249 -26.65 -1.96 9.85
CA LEU A 249 -26.71 -1.63 11.28
C LEU A 249 -27.05 -0.14 11.50
N LYS A 250 -27.91 0.12 12.46
CA LYS A 250 -28.17 1.53 12.86
C LYS A 250 -26.93 2.25 13.40
N ILE B 2 -28.97 -36.36 -12.15
CA ILE B 2 -28.75 -35.06 -12.84
C ILE B 2 -29.03 -35.17 -14.33
N ASN B 3 -29.99 -34.39 -14.79
CA ASN B 3 -30.41 -34.41 -16.18
C ASN B 3 -29.42 -33.63 -17.02
N TYR B 4 -29.08 -34.13 -18.19
CA TYR B 4 -28.05 -33.52 -19.02
C TYR B 4 -28.57 -32.35 -19.87
N TYR B 5 -29.88 -32.10 -19.84
CA TYR B 5 -30.51 -31.15 -20.74
C TYR B 5 -31.27 -30.02 -20.02
N THR B 6 -31.60 -30.21 -18.74
CA THR B 6 -32.10 -29.14 -17.92
C THR B 6 -31.59 -29.32 -16.52
N SER B 7 -31.34 -28.17 -15.85
CA SER B 7 -31.08 -28.18 -14.41
C SER B 7 -32.36 -28.09 -13.55
N GLU B 8 -33.52 -27.94 -14.20
CA GLU B 8 -34.78 -27.78 -13.49
C GLU B 8 -35.10 -29.08 -12.75
N PRO B 9 -35.68 -28.99 -11.57
CA PRO B 9 -36.01 -30.22 -10.81
C PRO B 9 -37.14 -30.99 -11.48
N GLU C 1 27.56 -24.33 -5.83
CA GLU C 1 26.54 -23.29 -5.96
C GLU C 1 26.45 -22.90 -7.45
N VAL C 2 25.31 -22.39 -7.84
CA VAL C 2 25.07 -21.90 -9.18
C VAL C 2 25.63 -20.49 -9.36
N GLN C 3 26.29 -20.33 -10.52
CA GLN C 3 26.91 -19.08 -11.00
CA GLN C 3 26.74 -18.99 -10.91
C GLN C 3 26.16 -18.65 -12.27
N LEU C 4 25.75 -17.38 -12.36
CA LEU C 4 25.23 -16.81 -13.60
C LEU C 4 25.91 -15.45 -13.71
N GLN C 5 26.93 -15.38 -14.53
CA GLN C 5 27.83 -14.23 -14.57
C GLN C 5 27.59 -13.41 -15.85
N GLN C 6 26.89 -12.30 -15.68
CA GLN C 6 26.48 -11.49 -16.82
C GLN C 6 27.51 -10.46 -17.24
N SER C 7 27.46 -10.09 -18.51
CA SER C 7 28.41 -9.14 -19.08
C SER C 7 28.11 -7.71 -18.65
N GLY C 8 29.09 -6.83 -18.89
CA GLY C 8 29.06 -5.50 -18.39
C GLY C 8 28.13 -4.53 -19.05
N ALA C 9 27.94 -3.43 -18.37
CA ALA C 9 27.04 -2.39 -18.82
C ALA C 9 27.43 -1.89 -20.21
N GLU C 10 26.42 -1.55 -21.01
CA GLU C 10 26.61 -1.08 -22.40
C GLU C 10 25.98 0.31 -22.51
N LEU C 11 26.68 1.23 -23.15
CA LEU C 11 26.20 2.55 -23.49
C LEU C 11 26.30 2.60 -25.00
N VAL C 12 25.13 2.64 -25.66
CA VAL C 12 25.07 2.42 -27.10
C VAL C 12 24.12 3.39 -27.78
N ARG C 13 24.30 3.52 -29.08
CA ARG C 13 23.51 4.48 -29.85
C ARG C 13 22.18 3.90 -30.32
N PRO C 14 21.16 4.78 -30.46
CA PRO C 14 19.91 4.32 -31.13
C PRO C 14 20.17 3.71 -32.48
N GLY C 15 19.42 2.67 -32.83
CA GLY C 15 19.47 2.05 -34.14
C GLY C 15 20.49 0.95 -34.21
N THR C 16 21.33 0.83 -33.21
CA THR C 16 22.38 -0.21 -33.23
C THR C 16 21.89 -1.50 -32.56
N SER C 17 22.75 -2.51 -32.50
CA SER C 17 22.44 -3.75 -31.81
C SER C 17 23.43 -3.95 -30.69
N VAL C 18 23.02 -4.71 -29.68
CA VAL C 18 23.94 -5.14 -28.64
C VAL C 18 23.74 -6.61 -28.36
N LYS C 19 24.83 -7.27 -28.00
CA LYS C 19 24.78 -8.69 -27.61
C LYS C 19 25.44 -8.87 -26.28
N MET C 20 24.69 -9.41 -25.32
CA MET C 20 25.14 -9.60 -23.96
C MET C 20 25.20 -11.08 -23.65
N SER C 21 25.96 -11.40 -22.59
CA SER C 21 26.22 -12.79 -22.25
C SER C 21 25.90 -13.09 -20.78
N CYS C 22 25.70 -14.38 -20.57
CA CYS C 22 25.36 -14.91 -19.24
C CYS C 22 26.08 -16.25 -19.11
N LYS C 23 27.23 -16.22 -18.45
CA LYS C 23 28.06 -17.41 -18.24
C LYS C 23 27.55 -18.20 -17.05
N ALA C 24 27.24 -19.47 -17.29
CA ALA C 24 26.62 -20.34 -16.30
C ALA C 24 27.66 -21.31 -15.75
N ALA C 25 27.49 -21.66 -14.48
CA ALA C 25 28.29 -22.74 -13.87
C ALA C 25 27.55 -23.31 -12.68
N GLY C 26 28.00 -24.50 -12.29
CA GLY C 26 27.49 -25.07 -11.03
C GLY C 26 26.27 -25.95 -11.19
N TYR C 27 25.90 -26.28 -12.42
CA TYR C 27 24.80 -27.15 -12.75
C TYR C 27 24.96 -27.60 -14.20
N THR C 28 24.19 -28.59 -14.64
CA THR C 28 24.30 -29.08 -16.02
C THR C 28 23.59 -28.12 -16.97
N PHE C 29 24.40 -27.40 -17.74
CA PHE C 29 23.92 -26.32 -18.61
C PHE C 29 22.87 -26.81 -19.62
N THR C 30 23.06 -28.04 -20.12
CA THR C 30 22.18 -28.61 -21.12
C THR C 30 20.88 -29.20 -20.59
N LYS C 31 20.61 -29.07 -19.30
CA LYS C 31 19.43 -29.67 -18.68
C LYS C 31 18.30 -28.70 -18.38
N TYR C 32 18.61 -27.41 -18.24
CA TYR C 32 17.65 -26.45 -17.71
C TYR C 32 17.45 -25.24 -18.63
N TRP C 33 16.22 -24.77 -18.69
CA TRP C 33 15.86 -23.53 -19.38
C TRP C 33 16.54 -22.33 -18.71
N ILE C 34 16.95 -21.38 -19.53
CA ILE C 34 17.39 -20.04 -19.10
C ILE C 34 16.39 -19.04 -19.64
N GLY C 35 15.85 -18.22 -18.75
CA GLY C 35 14.95 -17.15 -19.10
C GLY C 35 15.63 -15.81 -18.98
N TRP C 36 15.10 -14.87 -19.75
CA TRP C 36 15.62 -13.51 -19.78
C TRP C 36 14.52 -12.51 -19.42
N VAL C 37 14.86 -11.53 -18.61
CA VAL C 37 13.92 -10.62 -17.99
C VAL C 37 14.43 -9.19 -18.11
N LYS C 38 13.53 -8.28 -18.50
CA LYS C 38 13.82 -6.85 -18.61
C LYS C 38 13.26 -6.05 -17.46
N GLN C 39 14.08 -5.22 -16.85
CA GLN C 39 13.69 -4.40 -15.70
C GLN C 39 13.94 -2.93 -16.11
N ARG C 40 12.88 -2.22 -16.40
CA ARG C 40 12.95 -0.84 -16.88
CA ARG C 40 12.97 -0.83 -16.84
C ARG C 40 12.24 -0.02 -15.81
N PRO C 41 12.81 1.11 -15.40
CA PRO C 41 12.10 1.90 -14.36
C PRO C 41 10.68 2.28 -14.78
N GLY C 42 9.72 2.07 -13.88
CA GLY C 42 8.30 2.29 -14.14
C GLY C 42 7.57 1.19 -14.88
N HIS C 43 8.29 0.11 -15.18
CA HIS C 43 7.75 -0.98 -16.02
C HIS C 43 7.96 -2.39 -15.45
N GLY C 44 8.05 -2.48 -14.13
CA GLY C 44 8.15 -3.73 -13.43
C GLY C 44 9.22 -4.64 -14.00
N LEU C 45 8.86 -5.89 -14.21
CA LEU C 45 9.69 -6.86 -14.88
C LEU C 45 8.90 -7.41 -16.03
N GLU C 46 9.56 -7.58 -17.17
CA GLU C 46 8.94 -8.11 -18.35
C GLU C 46 9.74 -9.32 -18.81
N TRP C 47 9.08 -10.44 -19.08
CA TRP C 47 9.73 -11.65 -19.50
C TRP C 47 9.92 -11.64 -21.00
N ILE C 48 11.15 -11.82 -21.46
CA ILE C 48 11.48 -11.77 -22.87
C ILE C 48 11.28 -13.10 -23.58
N GLY C 49 11.77 -14.16 -22.97
CA GLY C 49 11.80 -15.46 -23.59
C GLY C 49 12.69 -16.41 -22.82
N ASP C 50 12.72 -17.69 -23.27
CA ASP C 50 13.62 -18.67 -22.67
C ASP C 50 14.23 -19.55 -23.76
N ILE C 51 15.34 -20.18 -23.39
CA ILE C 51 16.07 -21.05 -24.30
C ILE C 51 16.50 -22.27 -23.52
N HIS C 52 16.44 -23.44 -24.17
CA HIS C 52 16.96 -24.66 -23.57
C HIS C 52 18.30 -24.98 -24.25
N PRO C 53 19.43 -24.88 -23.54
CA PRO C 53 20.70 -25.14 -24.21
C PRO C 53 20.92 -26.60 -24.64
N GLY C 54 20.14 -27.52 -24.11
CA GLY C 54 20.21 -28.94 -24.53
C GLY C 54 19.66 -29.12 -25.94
N SER C 55 18.53 -28.54 -26.24
CA SER C 55 17.87 -28.69 -27.55
C SER C 55 18.03 -27.53 -28.50
N PHE C 56 18.39 -26.38 -27.94
CA PHE C 56 18.44 -25.06 -28.56
C PHE C 56 17.11 -24.46 -28.93
N TYR C 57 16.01 -25.08 -28.48
CA TYR C 57 14.70 -24.50 -28.67
C TYR C 57 14.57 -23.24 -27.84
N SER C 58 13.89 -22.26 -28.40
CA SER C 58 13.63 -21.01 -27.73
CA SER C 58 13.65 -20.97 -27.76
C SER C 58 12.17 -20.62 -27.87
N ASN C 59 11.68 -19.95 -26.84
CA ASN C 59 10.28 -19.47 -26.85
C ASN C 59 10.30 -18.01 -26.46
N TYR C 60 9.60 -17.19 -27.21
CA TYR C 60 9.62 -15.77 -26.99
C TYR C 60 8.26 -15.21 -26.58
N ASN C 61 8.27 -14.17 -25.77
CA ASN C 61 7.15 -13.28 -25.63
C ASN C 61 6.91 -12.63 -26.99
N GLU C 62 5.68 -12.66 -27.48
CA GLU C 62 5.32 -11.96 -28.73
C GLU C 62 5.86 -10.53 -28.77
N LYS C 63 5.88 -9.84 -27.62
CA LYS C 63 6.33 -8.48 -27.56
C LYS C 63 7.80 -8.28 -27.93
N PHE C 64 8.58 -9.37 -27.96
CA PHE C 64 10.00 -9.27 -28.27
C PHE C 64 10.36 -10.01 -29.52
N LYS C 65 9.37 -10.57 -30.26
CA LYS C 65 9.70 -11.26 -31.51
C LYS C 65 10.09 -10.22 -32.55
N GLY C 66 11.33 -10.26 -32.99
CA GLY C 66 11.92 -9.26 -33.85
C GLY C 66 12.73 -8.22 -33.14
N LYS C 67 12.81 -8.31 -31.83
CA LYS C 67 13.68 -7.44 -31.03
C LYS C 67 14.81 -8.23 -30.40
N ALA C 68 14.49 -9.35 -29.75
CA ALA C 68 15.48 -10.15 -29.03
C ALA C 68 15.74 -11.46 -29.71
N THR C 69 17.01 -11.89 -29.68
CA THR C 69 17.39 -13.22 -30.15
C THR C 69 18.20 -13.91 -29.05
N LEU C 70 17.74 -15.09 -28.64
CA LEU C 70 18.43 -15.89 -27.63
C LEU C 70 19.25 -16.98 -28.31
N THR C 71 20.50 -17.12 -27.89
CA THR C 71 21.35 -18.22 -28.35
C THR C 71 22.12 -18.79 -27.16
N ALA C 72 22.80 -19.92 -27.38
CA ALA C 72 23.60 -20.54 -26.34
C ALA C 72 24.81 -21.20 -26.95
N ASP C 73 25.89 -21.24 -26.20
CA ASP C 73 27.15 -21.88 -26.61
C ASP C 73 27.40 -22.93 -25.53
N THR C 74 27.28 -24.21 -25.90
CA THR C 74 27.47 -25.28 -24.95
C THR C 74 28.94 -25.60 -24.69
N SER C 75 29.87 -25.14 -25.53
CA SER C 75 31.32 -25.32 -25.29
C SER C 75 31.70 -24.54 -23.99
N SER C 76 31.20 -23.31 -23.89
CA SER C 76 31.55 -22.40 -22.78
C SER C 76 30.43 -22.24 -21.76
N SER C 77 29.35 -22.97 -21.92
CA SER C 77 28.17 -22.85 -21.07
CA SER C 77 28.16 -22.85 -21.07
C SER C 77 27.76 -21.38 -20.87
N THR C 78 27.59 -20.68 -22.01
CA THR C 78 27.22 -19.26 -22.02
C THR C 78 25.95 -19.08 -22.84
N ALA C 79 25.01 -18.35 -22.26
CA ALA C 79 23.81 -17.95 -22.96
C ALA C 79 24.00 -16.50 -23.42
N TYR C 80 23.42 -16.16 -24.57
CA TYR C 80 23.51 -14.82 -25.14
C TYR C 80 22.15 -14.27 -25.45
N MET C 81 22.05 -12.95 -25.41
CA MET C 81 20.83 -12.27 -25.91
C MET C 81 21.28 -11.08 -26.73
N GLN C 82 20.79 -11.00 -27.95
N GLN C 82 20.78 -10.99 -27.94
CA GLN C 82 21.03 -9.87 -28.84
CA GLN C 82 21.02 -9.85 -28.81
C GLN C 82 19.75 -9.05 -28.98
C GLN C 82 19.74 -9.05 -28.94
N LEU C 83 19.87 -7.72 -28.87
CA LEU C 83 18.73 -6.80 -29.07
C LEU C 83 19.09 -5.95 -30.29
N SER C 84 18.13 -5.83 -31.22
CA SER C 84 18.33 -5.08 -32.45
C SER C 84 17.56 -3.78 -32.47
N SER C 85 17.95 -2.87 -33.37
CA SER C 85 17.27 -1.62 -33.60
C SER C 85 17.00 -0.90 -32.30
N LEU C 86 18.05 -0.59 -31.55
CA LEU C 86 17.85 -0.06 -30.20
C LEU C 86 17.18 1.29 -30.14
N THR C 87 16.31 1.47 -29.16
CA THR C 87 15.66 2.75 -28.92
C THR C 87 15.72 3.06 -27.45
N SER C 88 15.26 4.22 -27.03
CA SER C 88 15.25 4.55 -25.60
C SER C 88 14.39 3.58 -24.80
N GLU C 89 13.40 2.93 -25.42
CA GLU C 89 12.54 1.97 -24.72
C GLU C 89 13.32 0.72 -24.32
N ASP C 90 14.49 0.53 -24.93
CA ASP C 90 15.35 -0.59 -24.60
C ASP C 90 16.29 -0.35 -23.44
N SER C 91 16.39 0.89 -22.96
CA SER C 91 17.24 1.16 -21.83
C SER C 91 16.65 0.50 -20.61
N ALA C 92 17.40 -0.41 -20.01
CA ALA C 92 16.89 -1.31 -18.95
C ALA C 92 18.00 -2.12 -18.42
N ILE C 93 17.73 -2.81 -17.33
CA ILE C 93 18.61 -3.85 -16.83
C ILE C 93 18.02 -5.21 -17.27
N TYR C 94 18.88 -6.05 -17.88
CA TYR C 94 18.48 -7.36 -18.38
C TYR C 94 19.10 -8.48 -17.57
N TYR C 95 18.27 -9.40 -17.09
CA TYR C 95 18.71 -10.52 -16.28
C TYR C 95 18.55 -11.82 -17.03
N CYS C 96 19.48 -12.74 -16.81
CA CYS C 96 19.26 -14.16 -17.11
C CYS C 96 18.94 -14.86 -15.80
N ALA C 97 18.16 -15.95 -15.90
CA ALA C 97 17.76 -16.73 -14.74
C ALA C 97 17.62 -18.16 -15.15
N ARG C 98 18.05 -19.06 -14.25
CA ARG C 98 17.87 -20.50 -14.47
C ARG C 98 16.52 -20.94 -13.94
N ASP C 99 15.80 -21.66 -14.78
CA ASP C 99 14.46 -22.21 -14.43
C ASP C 99 14.68 -23.64 -13.88
N TYR C 100 14.42 -23.81 -12.58
CA TYR C 100 14.53 -25.13 -11.93
C TYR C 100 13.13 -25.61 -11.61
N TYR C 101 12.58 -26.41 -12.51
CA TYR C 101 11.25 -26.97 -12.28
C TYR C 101 10.19 -25.91 -11.99
N THR C 102 10.25 -24.83 -12.76
CA THR C 102 9.42 -23.66 -12.77
C THR C 102 9.86 -22.56 -11.79
N ASN C 103 10.88 -22.85 -10.97
CA ASN C 103 11.38 -21.88 -10.04
C ASN C 103 12.51 -21.06 -10.66
N TYR C 104 12.38 -19.74 -10.78
CA TYR C 104 13.53 -18.91 -11.17
CA TYR C 104 13.48 -18.86 -11.16
C TYR C 104 14.31 -18.62 -9.87
N GLY C 105 15.03 -19.65 -9.45
CA GLY C 105 15.78 -19.61 -8.18
C GLY C 105 17.16 -19.04 -8.27
N ASP C 106 17.72 -18.97 -9.47
CA ASP C 106 19.07 -18.46 -9.66
C ASP C 106 19.00 -17.34 -10.69
N TRP C 107 19.48 -16.17 -10.35
CA TRP C 107 19.47 -15.01 -11.24
C TRP C 107 20.89 -14.50 -11.42
N GLY C 108 21.19 -14.03 -12.63
CA GLY C 108 22.39 -13.22 -12.85
C GLY C 108 22.27 -11.87 -12.19
N GLN C 109 23.38 -11.11 -12.23
CA GLN C 109 23.39 -9.81 -11.56
C GLN C 109 22.85 -8.70 -12.44
N GLY C 110 22.52 -9.00 -13.70
CA GLY C 110 21.98 -8.00 -14.63
C GLY C 110 23.01 -7.32 -15.44
N THR C 111 22.63 -6.99 -16.66
CA THR C 111 23.40 -6.14 -17.57
C THR C 111 22.58 -4.90 -17.85
N SER C 112 23.15 -3.74 -17.54
CA SER C 112 22.51 -2.45 -17.86
C SER C 112 22.80 -2.05 -19.26
N VAL C 113 21.78 -1.74 -20.02
CA VAL C 113 21.91 -1.14 -21.35
C VAL C 113 21.32 0.27 -21.27
N THR C 114 22.11 1.23 -21.70
CA THR C 114 21.65 2.60 -21.78
C THR C 114 21.76 3.00 -23.26
N VAL C 115 20.64 3.36 -23.87
CA VAL C 115 20.61 3.81 -25.25
C VAL C 115 20.63 5.37 -25.25
N SER C 116 21.63 5.96 -25.90
CA SER C 116 21.91 7.42 -25.87
C SER C 116 21.01 8.25 -26.75
N SER C 138 -4.73 -12.07 -24.57
CA SER C 138 -4.93 -13.26 -23.77
C SER C 138 -3.81 -13.46 -22.72
N ASP C 139 -2.88 -12.52 -22.62
CA ASP C 139 -1.78 -12.66 -21.61
C ASP C 139 -2.34 -12.46 -20.21
N ILE C 140 -1.70 -13.10 -19.24
CA ILE C 140 -2.11 -13.01 -17.86
C ILE C 140 -1.53 -11.72 -17.28
N VAL C 141 -2.38 -10.83 -16.81
CA VAL C 141 -1.99 -9.59 -16.19
C VAL C 141 -1.84 -9.82 -14.71
N MET C 142 -0.65 -9.47 -14.19
CA MET C 142 -0.36 -9.56 -12.77
C MET C 142 -0.37 -8.13 -12.20
N THR C 143 -1.18 -7.89 -11.21
CA THR C 143 -1.42 -6.54 -10.69
C THR C 143 -0.93 -6.42 -9.24
N GLN C 144 -0.02 -5.48 -9.01
CA GLN C 144 0.40 -5.06 -7.66
C GLN C 144 -0.01 -3.59 -7.56
N ALA C 145 -1.11 -3.38 -6.82
CA ALA C 145 -1.70 -2.02 -6.72
C ALA C 145 -0.82 -1.00 -6.04
N ALA C 146 -0.06 -1.46 -5.04
CA ALA C 146 0.76 -0.54 -4.24
C ALA C 146 2.16 -0.44 -4.74
N PRO C 147 2.63 0.74 -5.14
CA PRO C 147 4.03 0.85 -5.57
C PRO C 147 5.01 0.70 -4.40
N SER C 148 4.58 1.01 -3.18
CA SER C 148 5.45 0.92 -2.03
C SER C 148 4.67 0.67 -0.76
N VAL C 149 5.37 0.15 0.23
CA VAL C 149 4.85 0.15 1.59
C VAL C 149 5.94 0.66 2.48
N SER C 150 5.53 1.39 3.54
CA SER C 150 6.49 1.95 4.51
C SER C 150 6.08 1.37 5.87
N VAL C 151 7.00 0.70 6.52
CA VAL C 151 6.66 -0.03 7.73
C VAL C 151 7.71 0.22 8.83
N THR C 152 7.30 0.08 10.07
CA THR C 152 8.21 0.17 11.22
C THR C 152 8.91 -1.16 11.47
N PRO C 153 10.21 -1.13 11.76
CA PRO C 153 10.83 -2.41 12.10
C PRO C 153 10.06 -3.16 13.20
N GLY C 154 9.87 -4.47 12.99
CA GLY C 154 9.11 -5.33 13.89
C GLY C 154 7.60 -5.44 13.60
N GLU C 155 7.04 -4.54 12.79
CA GLU C 155 5.66 -4.57 12.39
C GLU C 155 5.52 -5.66 11.33
N SER C 156 4.32 -6.17 11.17
CA SER C 156 4.05 -7.11 10.09
C SER C 156 3.56 -6.31 8.89
N VAL C 157 3.69 -6.89 7.70
CA VAL C 157 3.08 -6.25 6.52
C VAL C 157 2.66 -7.32 5.53
N SER C 158 1.67 -6.96 4.72
CA SER C 158 1.22 -7.81 3.63
C SER C 158 1.40 -7.09 2.33
N ILE C 159 1.79 -7.85 1.31
CA ILE C 159 1.88 -7.31 -0.05
C ILE C 159 0.94 -8.10 -0.92
N SER C 160 0.12 -7.39 -1.69
CA SER C 160 -0.88 -8.03 -2.54
C SER C 160 -0.50 -8.12 -4.00
N CYS C 161 -1.01 -9.17 -4.63
CA CYS C 161 -0.90 -9.38 -6.05
C CYS C 161 -2.18 -10.07 -6.52
N ARG C 162 -2.62 -9.74 -7.74
CA ARG C 162 -3.76 -10.42 -8.34
C ARG C 162 -3.40 -10.84 -9.76
N SER C 163 -3.98 -11.94 -10.22
CA SER C 163 -3.84 -12.40 -11.59
C SER C 163 -5.18 -12.32 -12.34
N SER C 164 -5.11 -12.06 -13.64
CA SER C 164 -6.30 -11.95 -14.46
C SER C 164 -6.85 -13.29 -14.93
N LYS C 165 -6.19 -14.38 -14.57
CA LYS C 165 -6.61 -15.75 -14.82
CA LYS C 165 -6.65 -15.75 -14.81
C LYS C 165 -6.24 -16.59 -13.63
N SER C 166 -7.00 -17.63 -13.36
CA SER C 166 -6.57 -18.64 -12.40
C SER C 166 -5.17 -19.14 -12.72
N LEU C 167 -4.35 -19.27 -11.66
CA LEU C 167 -3.04 -19.84 -11.79
C LEU C 167 -2.98 -21.30 -11.31
N LEU C 168 -4.16 -21.88 -11.06
CA LEU C 168 -4.24 -23.28 -10.65
C LEU C 168 -4.17 -24.21 -11.83
N HIS C 169 -3.27 -25.17 -11.77
CA HIS C 169 -3.02 -26.17 -12.76
C HIS C 169 -3.77 -27.45 -12.40
N ARG C 170 -4.07 -28.27 -13.39
CA ARG C 170 -4.69 -29.58 -13.13
C ARG C 170 -3.91 -30.46 -12.18
N ASN C 171 -2.59 -30.26 -12.12
CA ASN C 171 -1.75 -31.04 -11.24
C ASN C 171 -1.87 -30.67 -9.76
N GLY C 172 -2.61 -29.61 -9.46
CA GLY C 172 -2.87 -29.17 -8.11
C GLY C 172 -2.05 -28.00 -7.60
N ASN C 173 -0.98 -27.66 -8.33
CA ASN C 173 -0.16 -26.53 -8.01
C ASN C 173 -0.76 -25.24 -8.51
N THR C 174 -0.55 -24.16 -7.77
CA THR C 174 -0.89 -22.81 -8.25
C THR C 174 0.42 -22.09 -8.56
N TYR C 175 0.63 -21.73 -9.83
CA TYR C 175 1.93 -21.27 -10.34
C TYR C 175 2.20 -19.78 -10.13
N LEU C 176 2.17 -19.38 -8.86
CA LEU C 176 2.42 -18.00 -8.44
C LEU C 176 3.72 -17.99 -7.64
N PHE C 177 4.59 -17.00 -7.92
CA PHE C 177 5.91 -16.93 -7.29
C PHE C 177 6.13 -15.50 -6.77
N TRP C 178 6.87 -15.37 -5.68
CA TRP C 178 7.27 -14.10 -5.12
C TRP C 178 8.79 -13.99 -5.06
N PHE C 179 9.28 -12.82 -5.47
CA PHE C 179 10.69 -12.48 -5.48
C PHE C 179 10.92 -11.19 -4.68
N LEU C 180 12.12 -11.07 -4.15
CA LEU C 180 12.59 -9.85 -3.51
C LEU C 180 13.92 -9.46 -4.17
N GLN C 181 14.07 -8.18 -4.53
CA GLN C 181 15.37 -7.66 -4.92
C GLN C 181 15.76 -6.59 -3.92
N ARG C 182 16.78 -6.95 -3.13
CA ARG C 182 17.34 -6.03 -2.17
C ARG C 182 18.36 -5.12 -2.84
N PRO C 183 18.64 -3.93 -2.28
CA PRO C 183 19.65 -3.07 -2.87
C PRO C 183 20.98 -3.79 -3.02
N GLY C 184 21.57 -3.69 -4.21
CA GLY C 184 22.89 -4.25 -4.48
C GLY C 184 22.89 -5.73 -4.78
N GLN C 185 21.71 -6.34 -4.75
CA GLN C 185 21.61 -7.81 -4.92
C GLN C 185 20.78 -8.11 -6.14
N SER C 186 20.98 -9.34 -6.62
CA SER C 186 20.17 -9.91 -7.66
CA SER C 186 20.10 -9.88 -7.66
C SER C 186 18.77 -10.31 -7.05
N PRO C 187 17.73 -10.45 -7.89
CA PRO C 187 16.43 -10.92 -7.36
C PRO C 187 16.60 -12.30 -6.71
N GLN C 188 15.87 -12.55 -5.61
CA GLN C 188 15.86 -13.78 -4.88
C GLN C 188 14.42 -14.33 -4.89
N LEU C 189 14.29 -15.61 -5.18
CA LEU C 189 13.02 -16.29 -5.01
C LEU C 189 12.70 -16.50 -3.54
N LEU C 190 11.54 -16.02 -3.10
CA LEU C 190 11.07 -16.19 -1.72
C LEU C 190 10.07 -17.32 -1.58
N ILE C 191 9.05 -17.32 -2.45
CA ILE C 191 7.90 -18.22 -2.33
C ILE C 191 7.64 -18.81 -3.70
N TYR C 192 7.51 -20.13 -3.80
CA TYR C 192 7.22 -20.76 -5.07
C TYR C 192 5.93 -21.50 -4.99
N ARG C 193 5.22 -21.59 -6.10
CA ARG C 193 3.95 -22.30 -6.15
C ARG C 193 3.04 -21.88 -5.00
N MET C 194 2.85 -20.57 -4.90
CA MET C 194 1.92 -19.89 -4.03
C MET C 194 2.30 -19.78 -2.55
N SER C 195 2.72 -20.91 -1.95
CA SER C 195 2.92 -20.94 -0.53
C SER C 195 4.25 -21.52 -0.08
N ASN C 196 5.03 -22.14 -0.95
CA ASN C 196 6.19 -22.90 -0.49
C ASN C 196 7.37 -21.95 -0.27
N LEU C 197 8.01 -22.03 0.90
CA LEU C 197 9.18 -21.21 1.17
C LEU C 197 10.39 -21.75 0.48
N ALA C 198 11.10 -20.92 -0.27
CA ALA C 198 12.33 -21.34 -0.92
C ALA C 198 13.42 -21.60 0.12
N SER C 199 14.36 -22.46 -0.22
CA SER C 199 15.30 -22.87 0.81
C SER C 199 16.11 -21.66 1.27
N GLY C 200 16.28 -21.57 2.58
CA GLY C 200 17.12 -20.56 3.18
C GLY C 200 16.41 -19.25 3.40
N VAL C 201 15.18 -19.16 2.91
CA VAL C 201 14.42 -17.94 3.08
C VAL C 201 13.91 -17.94 4.55
N PRO C 202 13.98 -16.78 5.25
CA PRO C 202 13.48 -16.75 6.60
C PRO C 202 12.04 -17.07 6.71
N ASP C 203 11.64 -17.75 7.77
CA ASP C 203 10.26 -18.17 7.76
C ASP C 203 9.28 -17.12 8.34
N ARG C 204 9.77 -15.90 8.56
CA ARG C 204 8.86 -14.74 8.72
C ARG C 204 8.12 -14.46 7.43
N PHE C 205 8.61 -15.01 6.32
CA PHE C 205 7.91 -14.89 5.01
C PHE C 205 6.91 -16.01 4.82
N SER C 206 5.68 -15.70 4.39
CA SER C 206 4.73 -16.73 3.98
C SER C 206 3.87 -16.24 2.84
N GLY C 207 3.29 -17.18 2.11
CA GLY C 207 2.48 -16.86 0.93
C GLY C 207 1.16 -17.59 1.05
N SER C 208 0.09 -16.92 0.63
CA SER C 208 -1.23 -17.52 0.54
C SER C 208 -1.96 -16.98 -0.67
N GLY C 209 -3.09 -17.61 -0.98
CA GLY C 209 -3.90 -17.08 -2.05
C GLY C 209 -5.12 -17.83 -2.35
N SER C 210 -5.81 -17.35 -3.40
CA SER C 210 -7.08 -17.94 -3.88
C SER C 210 -7.04 -18.44 -5.30
N GLY C 211 -5.89 -18.33 -5.95
CA GLY C 211 -5.81 -18.73 -7.36
C GLY C 211 -5.81 -17.54 -8.32
N THR C 212 -6.41 -16.42 -7.86
CA THR C 212 -6.40 -15.14 -8.45
C THR C 212 -5.99 -13.98 -7.52
N ALA C 213 -6.17 -14.04 -6.22
CA ALA C 213 -5.67 -13.03 -5.28
C ALA C 213 -4.66 -13.66 -4.36
N PHE C 214 -3.50 -13.02 -4.23
CA PHE C 214 -2.36 -13.58 -3.50
C PHE C 214 -1.81 -12.56 -2.52
N THR C 215 -1.23 -13.09 -1.43
CA THR C 215 -0.66 -12.23 -0.40
C THR C 215 0.66 -12.83 0.05
N LEU C 216 1.68 -12.00 0.08
CA LEU C 216 2.97 -12.29 0.76
C LEU C 216 2.89 -11.57 2.10
N ARG C 217 3.06 -12.33 3.18
CA ARG C 217 3.07 -11.80 4.52
CA ARG C 217 3.07 -11.76 4.50
C ARG C 217 4.48 -11.82 5.05
N ILE C 218 4.87 -10.71 5.67
CA ILE C 218 6.10 -10.68 6.43
C ILE C 218 5.72 -10.44 7.88
N SER C 219 6.01 -11.40 8.76
CA SER C 219 5.42 -11.38 10.14
C SER C 219 5.91 -10.29 11.07
N ARG C 220 7.21 -10.00 10.96
CA ARG C 220 7.92 -9.00 11.74
C ARG C 220 9.08 -8.49 10.90
N VAL C 221 8.90 -7.35 10.26
CA VAL C 221 9.84 -6.86 9.25
C VAL C 221 11.20 -6.52 9.88
N GLU C 222 12.26 -6.90 9.17
CA GLU C 222 13.64 -6.67 9.56
CA GLU C 222 13.65 -6.69 9.57
C GLU C 222 14.30 -5.79 8.54
N ALA C 223 15.41 -5.19 8.93
CA ALA C 223 16.11 -4.25 8.05
C ALA C 223 16.48 -4.87 6.71
N GLU C 224 16.78 -6.16 6.72
CA GLU C 224 17.26 -6.85 5.51
C GLU C 224 16.13 -7.11 4.54
N ASP C 225 14.89 -6.85 4.95
CA ASP C 225 13.72 -7.05 4.07
C ASP C 225 13.42 -5.87 3.16
N VAL C 226 14.20 -4.78 3.25
CA VAL C 226 14.05 -3.65 2.36
C VAL C 226 14.37 -4.05 0.92
N GLY C 227 13.52 -3.65 -0.01
CA GLY C 227 13.74 -3.98 -1.42
C GLY C 227 12.40 -4.02 -2.13
N VAL C 228 12.45 -4.48 -3.36
CA VAL C 228 11.25 -4.54 -4.19
C VAL C 228 10.77 -5.97 -4.32
N TYR C 229 9.49 -6.16 -3.99
CA TYR C 229 8.81 -7.45 -4.05
C TYR C 229 8.00 -7.56 -5.33
N TYR C 230 8.21 -8.63 -6.07
CA TYR C 230 7.49 -8.86 -7.32
C TYR C 230 6.77 -10.20 -7.25
N CYS C 231 5.54 -10.26 -7.76
CA CYS C 231 4.90 -11.53 -8.05
C CYS C 231 5.09 -11.88 -9.50
N MET C 232 4.92 -13.16 -9.80
CA MET C 232 5.13 -13.70 -11.16
C MET C 232 4.21 -14.93 -11.36
N GLN C 233 3.67 -15.10 -12.56
CA GLN C 233 3.08 -16.35 -12.90
C GLN C 233 3.98 -17.11 -13.84
N HIS C 234 4.09 -18.41 -13.60
CA HIS C 234 4.77 -19.37 -14.46
C HIS C 234 3.84 -20.49 -14.88
N LEU C 235 2.57 -20.14 -15.06
CA LEU C 235 1.59 -21.14 -15.59
C LEU C 235 1.75 -21.34 -17.09
N GLU C 236 1.86 -20.24 -17.82
CA GLU C 236 1.84 -20.32 -19.26
C GLU C 236 2.58 -19.16 -19.88
N TYR C 237 3.12 -19.41 -21.08
CA TYR C 237 3.80 -18.35 -21.81
C TYR C 237 2.81 -17.30 -22.30
N PRO C 238 3.21 -16.03 -22.40
CA PRO C 238 4.44 -15.51 -21.85
C PRO C 238 4.34 -15.38 -20.35
N TYR C 239 5.43 -15.68 -19.64
CA TYR C 239 5.41 -15.45 -18.17
C TYR C 239 5.29 -13.95 -17.93
N THR C 240 4.64 -13.59 -16.84
CA THR C 240 4.31 -12.20 -16.55
C THR C 240 4.54 -11.92 -15.08
N PHE C 241 4.87 -10.67 -14.78
CA PHE C 241 5.21 -10.23 -13.44
C PHE C 241 4.37 -9.01 -13.08
N GLY C 242 4.15 -8.86 -11.80
CA GLY C 242 3.61 -7.61 -11.27
C GLY C 242 4.63 -6.48 -11.33
N SER C 243 4.14 -5.26 -11.12
CA SER C 243 4.92 -4.06 -11.29
C SER C 243 5.92 -3.81 -10.14
N GLY C 244 5.75 -4.54 -9.04
CA GLY C 244 6.63 -4.44 -7.90
C GLY C 244 6.08 -3.53 -6.79
N THR C 245 6.38 -3.90 -5.55
CA THR C 245 6.01 -3.12 -4.36
C THR C 245 7.30 -2.97 -3.57
N LYS C 246 7.77 -1.73 -3.50
CA LYS C 246 8.98 -1.40 -2.75
C LYS C 246 8.71 -1.29 -1.24
N LEU C 247 9.42 -2.07 -0.43
CA LEU C 247 9.30 -1.95 1.02
C LEU C 247 10.39 -1.03 1.55
N GLU C 248 9.94 -0.03 2.31
CA GLU C 248 10.79 1.02 2.94
C GLU C 248 10.59 0.92 4.44
N LEU C 249 11.65 1.11 5.20
CA LEU C 249 11.41 1.37 6.64
C LEU C 249 10.87 2.79 6.94
N LYS C 250 9.87 2.88 7.83
CA LYS C 250 9.60 4.19 8.49
C LYS C 250 10.69 4.29 9.54
N ILE D 2 12.66 -30.97 -17.64
CA ILE D 2 12.75 -32.27 -18.37
C ILE D 2 12.12 -32.19 -19.77
N ASN D 3 11.41 -31.11 -20.03
CA ASN D 3 10.83 -30.86 -21.37
C ASN D 3 11.78 -29.97 -22.13
N TYR D 4 12.24 -30.40 -23.29
CA TYR D 4 13.23 -29.69 -24.04
C TYR D 4 12.63 -28.64 -24.98
N TYR D 5 11.29 -28.51 -24.98
CA TYR D 5 10.61 -27.70 -25.96
C TYR D 5 9.74 -26.56 -25.39
N THR D 6 9.27 -26.73 -24.16
CA THR D 6 8.65 -25.66 -23.41
C THR D 6 8.97 -25.83 -21.95
N SER D 7 9.15 -24.72 -21.25
CA SER D 7 9.34 -24.71 -19.80
C SER D 7 8.03 -24.69 -19.00
N GLU D 8 6.91 -24.64 -19.72
CA GLU D 8 5.62 -24.50 -19.04
C GLU D 8 5.28 -25.79 -18.31
N PRO D 9 4.62 -25.70 -17.14
CA PRO D 9 4.30 -26.95 -16.40
C PRO D 9 3.21 -27.73 -17.07
N GLU E 1 8.28 19.07 8.14
CA GLU E 1 9.56 18.33 7.96
C GLU E 1 10.64 19.00 8.81
N VAL E 2 11.70 18.26 9.08
CA VAL E 2 12.78 18.81 9.91
C VAL E 2 13.50 19.90 9.11
N GLN E 3 13.73 21.04 9.74
CA GLN E 3 14.50 22.15 9.16
C GLN E 3 15.56 22.59 10.18
N LEU E 4 16.79 22.80 9.69
CA LEU E 4 17.87 23.37 10.46
C LEU E 4 18.34 24.58 9.67
N GLN E 5 18.05 25.75 10.19
CA GLN E 5 18.28 27.00 9.46
C GLN E 5 19.46 27.69 10.08
N GLN E 6 20.56 27.78 9.31
CA GLN E 6 21.81 28.37 9.78
C GLN E 6 21.90 29.84 9.40
N SER E 7 22.58 30.61 10.24
CA SER E 7 22.82 32.03 9.99
C SER E 7 23.80 32.28 8.85
N GLY E 8 23.84 33.54 8.40
CA GLY E 8 24.51 33.90 7.19
C GLY E 8 26.01 34.08 7.28
N ALA E 9 26.59 34.47 6.17
CA ALA E 9 28.02 34.47 5.99
C ALA E 9 28.69 35.47 6.93
N GLU E 10 29.89 35.11 7.39
CA GLU E 10 30.70 35.96 8.22
C GLU E 10 31.99 36.26 7.48
N LEU E 11 32.38 37.53 7.49
CA LEU E 11 33.61 37.96 6.90
C LEU E 11 34.22 38.83 8.00
N VAL E 12 35.26 38.33 8.66
CA VAL E 12 35.74 38.87 9.91
C VAL E 12 37.27 38.90 9.97
N ARG E 13 37.82 39.78 10.79
CA ARG E 13 39.27 39.90 10.94
C ARG E 13 39.85 38.82 11.82
N PRO E 14 41.15 38.50 11.60
CA PRO E 14 41.72 37.54 12.53
C PRO E 14 41.69 38.02 13.98
N GLY E 15 41.63 37.06 14.90
CA GLY E 15 41.65 37.32 16.30
C GLY E 15 40.27 37.57 16.90
N THR E 16 39.29 37.88 16.06
CA THR E 16 37.91 38.10 16.50
C THR E 16 37.19 36.77 16.78
N SER E 17 35.94 36.87 17.25
CA SER E 17 35.08 35.70 17.46
C SER E 17 33.85 35.85 16.61
N VAL E 18 33.22 34.73 16.29
CA VAL E 18 31.90 34.77 15.68
C VAL E 18 31.01 33.79 16.38
N LYS E 19 29.71 34.09 16.38
CA LYS E 19 28.72 33.20 16.95
CA LYS E 19 28.71 33.20 16.96
C LYS E 19 27.62 32.99 15.93
N MET E 20 27.53 31.75 15.47
CA MET E 20 26.58 31.36 14.46
C MET E 20 25.45 30.56 15.08
N SER E 21 24.31 30.57 14.41
CA SER E 21 23.11 29.92 14.92
C SER E 21 22.61 28.84 13.96
N CYS E 22 21.85 27.91 14.55
CA CYS E 22 21.27 26.79 13.89
C CYS E 22 19.88 26.62 14.50
N LYS E 23 18.88 27.18 13.83
CA LYS E 23 17.49 27.17 14.37
C LYS E 23 16.72 25.96 13.87
N ALA E 24 16.24 25.18 14.83
CA ALA E 24 15.60 23.89 14.58
C ALA E 24 14.08 24.04 14.54
N ALA E 25 13.49 23.32 13.60
CA ALA E 25 12.04 23.22 13.46
C ALA E 25 11.66 21.82 13.05
N GLY E 26 10.47 21.43 13.46
CA GLY E 26 9.83 20.24 12.89
C GLY E 26 10.10 18.99 13.65
N TYR E 27 10.63 19.11 14.86
CA TYR E 27 10.89 17.98 15.73
C TYR E 27 11.07 18.55 17.13
N THR E 28 11.14 17.68 18.12
CA THR E 28 11.34 18.10 19.51
C THR E 28 12.82 18.43 19.78
N PHE E 29 13.11 19.72 19.85
CA PHE E 29 14.47 20.23 19.99
C PHE E 29 15.20 19.64 21.19
N THR E 30 14.51 19.48 22.30
CA THR E 30 15.19 19.01 23.50
C THR E 30 15.33 17.48 23.61
N LYS E 31 15.01 16.76 22.53
CA LYS E 31 15.15 15.30 22.51
C LYS E 31 16.42 14.78 21.83
N TYR E 32 17.07 15.57 20.96
CA TYR E 32 18.13 15.03 20.07
C TYR E 32 19.41 15.85 20.16
N TRP E 33 20.54 15.16 20.09
CA TRP E 33 21.84 15.78 19.90
C TRP E 33 21.90 16.54 18.59
N ILE E 34 22.62 17.64 18.63
CA ILE E 34 23.00 18.37 17.41
CA ILE E 34 23.00 18.37 17.40
C ILE E 34 24.52 18.37 17.34
N GLY E 35 25.01 17.88 16.18
CA GLY E 35 26.45 17.86 15.94
C GLY E 35 26.88 18.97 14.99
N TRP E 36 28.15 19.32 15.03
CA TRP E 36 28.71 20.40 14.23
C TRP E 36 29.92 19.88 13.50
N VAL E 37 30.01 20.26 12.23
CA VAL E 37 31.02 19.73 11.29
C VAL E 37 31.67 20.87 10.49
N LYS E 38 32.99 20.83 10.31
CA LYS E 38 33.77 21.81 9.57
C LYS E 38 34.16 21.23 8.19
N GLN E 39 33.94 22.04 7.16
CA GLN E 39 34.32 21.67 5.80
C GLN E 39 35.24 22.81 5.30
N ARG E 40 36.49 22.48 5.18
CA ARG E 40 37.47 23.38 4.73
C ARG E 40 38.06 22.79 3.47
N PRO E 41 38.21 23.62 2.46
CA PRO E 41 38.82 23.18 1.22
C PRO E 41 40.17 22.47 1.42
N GLY E 42 40.28 21.27 0.85
CA GLY E 42 41.43 20.45 1.03
C GLY E 42 41.51 19.63 2.28
N HIS E 43 40.50 19.77 3.15
CA HIS E 43 40.53 19.09 4.44
C HIS E 43 39.25 18.35 4.73
N GLY E 44 38.52 17.96 3.69
CA GLY E 44 37.41 17.07 3.87
C GLY E 44 36.36 17.62 4.84
N LEU E 45 35.87 16.73 5.68
CA LEU E 45 34.96 17.00 6.77
C LEU E 45 35.61 16.65 8.09
N GLU E 46 35.40 17.50 9.09
CA GLU E 46 35.94 17.26 10.43
C GLU E 46 34.81 17.50 11.45
N TRP E 47 34.68 16.63 12.42
CA TRP E 47 33.63 16.74 13.46
C TRP E 47 34.17 17.58 14.62
N ILE E 48 33.39 18.58 15.01
CA ILE E 48 33.79 19.53 16.04
C ILE E 48 33.31 19.10 17.42
N GLY E 49 32.04 18.72 17.52
CA GLY E 49 31.43 18.35 18.81
C GLY E 49 29.96 18.26 18.67
N ASP E 50 29.30 17.93 19.78
CA ASP E 50 27.85 17.87 19.80
C ASP E 50 27.28 18.40 21.12
N ILE E 51 26.01 18.75 21.06
CA ILE E 51 25.32 19.31 22.23
C ILE E 51 23.94 18.71 22.33
N HIS E 52 23.49 18.49 23.57
CA HIS E 52 22.16 18.01 23.79
C HIS E 52 21.36 19.18 24.39
N PRO E 53 20.35 19.70 23.66
CA PRO E 53 19.64 20.86 24.22
C PRO E 53 18.81 20.55 25.45
N GLY E 54 18.53 19.29 25.68
CA GLY E 54 17.78 18.88 26.87
C GLY E 54 18.60 18.97 28.14
N SER E 55 19.92 18.87 28.06
CA SER E 55 20.80 18.99 29.23
C SER E 55 21.78 20.15 29.17
N PHE E 56 21.89 20.78 28.00
CA PHE E 56 22.93 21.79 27.69
C PHE E 56 24.37 21.29 27.80
N TYR E 57 24.53 19.99 27.65
CA TYR E 57 25.83 19.38 27.78
C TYR E 57 26.43 19.22 26.38
N SER E 58 27.72 19.52 26.29
CA SER E 58 28.47 19.42 25.05
CA SER E 58 28.45 19.41 25.04
C SER E 58 29.67 18.51 25.19
N ASN E 59 29.94 17.74 24.12
CA ASN E 59 31.16 16.98 23.96
C ASN E 59 31.92 17.53 22.77
N TYR E 60 33.23 17.67 22.92
CA TYR E 60 34.09 18.23 21.93
C TYR E 60 35.14 17.28 21.44
N ASN E 61 35.45 17.37 20.16
CA ASN E 61 36.71 16.88 19.65
C ASN E 61 37.82 17.70 20.34
N GLU E 62 38.77 17.04 20.99
CA GLU E 62 39.87 17.75 21.63
C GLU E 62 40.54 18.77 20.72
N LYS E 63 40.59 18.51 19.41
CA LYS E 63 41.19 19.45 18.43
C LYS E 63 40.55 20.85 18.44
N PHE E 64 39.29 20.92 18.86
CA PHE E 64 38.51 22.16 18.90
C PHE E 64 38.31 22.73 20.32
N LYS E 65 38.86 22.08 21.35
CA LYS E 65 38.73 22.61 22.70
C LYS E 65 39.39 23.98 22.75
N GLY E 66 38.66 24.96 23.26
CA GLY E 66 39.15 26.34 23.25
C GLY E 66 38.93 27.14 21.99
N LYS E 67 38.66 26.46 20.89
CA LYS E 67 38.27 27.11 19.64
C LYS E 67 36.76 27.25 19.54
N ALA E 68 36.03 26.15 19.76
CA ALA E 68 34.58 26.10 19.61
C ALA E 68 33.90 25.98 20.92
N THR E 69 32.77 26.67 21.03
CA THR E 69 31.90 26.61 22.21
C THR E 69 30.47 26.42 21.73
N LEU E 70 29.84 25.33 22.17
CA LEU E 70 28.48 25.00 21.80
C LEU E 70 27.53 25.36 22.90
N THR E 71 26.45 26.01 22.49
CA THR E 71 25.36 26.35 23.42
C THR E 71 24.01 26.09 22.75
N ALA E 72 22.95 26.19 23.54
CA ALA E 72 21.62 26.05 23.03
C ALA E 72 20.66 26.89 23.87
N ASP E 73 19.58 27.26 23.24
CA ASP E 73 18.55 28.08 23.87
C ASP E 73 17.20 27.43 23.56
N THR E 74 16.49 26.98 24.60
CA THR E 74 15.20 26.34 24.36
C THR E 74 14.05 27.28 24.03
N SER E 75 14.15 28.58 24.30
N SER E 75 14.19 28.57 24.32
CA SER E 75 13.03 29.46 23.93
CA SER E 75 13.13 29.54 24.02
C SER E 75 13.00 29.64 22.42
C SER E 75 13.04 29.84 22.50
N SER E 76 14.18 29.71 21.80
CA SER E 76 14.25 29.90 20.37
C SER E 76 14.44 28.60 19.60
N SER E 77 14.63 27.48 20.31
CA SER E 77 15.00 26.22 19.64
C SER E 77 16.19 26.41 18.69
N THR E 78 17.22 27.03 19.24
CA THR E 78 18.40 27.36 18.47
C THR E 78 19.63 26.84 19.18
N ALA E 79 20.49 26.17 18.38
CA ALA E 79 21.81 25.79 18.85
C ALA E 79 22.80 26.81 18.25
N TYR E 80 23.85 27.11 19.00
CA TYR E 80 24.86 28.08 18.58
C TYR E 80 26.23 27.48 18.68
N MET E 81 27.12 27.98 17.83
CA MET E 81 28.53 27.72 17.92
C MET E 81 29.30 29.03 17.86
N GLN E 82 30.15 29.23 18.87
CA GLN E 82 31.05 30.34 18.89
C GLN E 82 32.42 29.82 18.55
N LEU E 83 33.09 30.51 17.65
CA LEU E 83 34.49 30.23 17.32
C LEU E 83 35.28 31.42 17.82
N SER E 84 36.35 31.16 18.60
CA SER E 84 37.16 32.20 19.20
C SER E 84 38.53 32.31 18.55
N SER E 85 39.16 33.48 18.73
CA SER E 85 40.54 33.69 18.27
CA SER E 85 40.53 33.75 18.25
C SER E 85 40.74 33.24 16.82
N LEU E 86 39.93 33.79 15.91
CA LEU E 86 39.88 33.32 14.54
C LEU E 86 41.19 33.52 13.78
N THR E 87 41.55 32.52 12.96
CA THR E 87 42.68 32.61 12.06
C THR E 87 42.29 32.03 10.71
N SER E 88 43.19 32.13 9.74
CA SER E 88 42.85 31.70 8.40
C SER E 88 42.47 30.20 8.31
N GLU E 89 43.01 29.36 9.22
CA GLU E 89 42.64 27.95 9.25
C GLU E 89 41.20 27.70 9.67
N ASP E 90 40.56 28.75 10.19
CA ASP E 90 39.15 28.70 10.53
C ASP E 90 38.21 29.08 9.38
N SER E 91 38.74 29.58 8.27
CA SER E 91 37.90 29.88 7.13
C SER E 91 37.39 28.57 6.55
N ALA E 92 36.08 28.39 6.57
CA ALA E 92 35.44 27.12 6.27
C ALA E 92 33.95 27.26 6.22
N ILE E 93 33.26 26.23 5.75
CA ILE E 93 31.83 26.06 5.94
C ILE E 93 31.58 25.22 7.20
N TYR E 94 30.66 25.68 8.03
CA TYR E 94 30.33 24.99 9.28
C TYR E 94 28.87 24.56 9.23
N TYR E 95 28.60 23.27 9.48
CA TYR E 95 27.26 22.71 9.47
C TYR E 95 26.84 22.33 10.86
N CYS E 96 25.54 22.46 11.10
CA CYS E 96 24.89 21.69 12.18
C CYS E 96 24.13 20.54 11.59
N ALA E 97 23.93 19.47 12.37
CA ALA E 97 23.21 18.31 11.89
C ALA E 97 22.49 17.68 13.07
N ARG E 98 21.25 17.21 12.85
CA ARG E 98 20.54 16.52 13.92
C ARG E 98 20.96 15.06 13.97
N ASP E 99 21.29 14.57 15.15
CA ASP E 99 21.62 13.17 15.35
C ASP E 99 20.34 12.40 15.68
N TYR E 100 19.89 11.61 14.70
CA TYR E 100 18.69 10.81 14.87
C TYR E 100 19.10 9.36 15.09
N TYR E 101 19.24 8.95 16.34
CA TYR E 101 19.63 7.57 16.67
C TYR E 101 20.94 7.17 15.97
N THR E 102 21.89 8.11 15.98
CA THR E 102 23.23 8.03 15.35
C THR E 102 23.28 8.43 13.91
N ASN E 103 22.15 8.60 13.26
CA ASN E 103 22.11 9.05 11.86
C ASN E 103 22.12 10.58 11.73
N TYR E 104 23.15 11.12 11.09
CA TYR E 104 23.13 12.57 10.69
C TYR E 104 22.40 12.67 9.36
N GLY E 105 21.07 12.59 9.42
CA GLY E 105 20.20 12.67 8.26
C GLY E 105 19.78 14.06 7.89
N ASP E 106 19.65 14.92 8.89
CA ASP E 106 19.15 16.30 8.71
C ASP E 106 20.33 17.23 8.93
N TRP E 107 20.63 18.04 7.91
CA TRP E 107 21.76 18.98 7.94
C TRP E 107 21.24 20.40 7.71
N GLY E 108 21.87 21.35 8.37
CA GLY E 108 21.71 22.71 7.98
C GLY E 108 22.42 22.96 6.66
N GLN E 109 22.19 24.15 6.11
CA GLN E 109 22.76 24.49 4.81
C GLN E 109 24.22 24.89 4.84
N GLY E 110 24.76 25.09 6.05
CA GLY E 110 26.10 25.57 6.23
C GLY E 110 26.17 27.07 6.43
N THR E 111 27.09 27.50 7.31
CA THR E 111 27.47 28.92 7.50
C THR E 111 28.91 29.05 7.05
N SER E 112 29.16 29.99 6.15
CA SER E 112 30.50 30.32 5.72
C SER E 112 31.17 31.37 6.58
N VAL E 113 32.38 31.06 7.05
CA VAL E 113 33.22 31.98 7.78
C VAL E 113 34.47 32.19 6.98
N THR E 114 34.81 33.46 6.70
CA THR E 114 36.03 33.81 6.00
C THR E 114 36.78 34.77 6.89
N VAL E 115 38.01 34.42 7.24
CA VAL E 115 38.84 35.26 8.09
C VAL E 115 39.79 36.06 7.20
N SER E 116 39.66 37.39 7.23
CA SER E 116 40.56 38.30 6.49
C SER E 116 40.61 39.71 7.12
N SER E 138 44.33 7.90 20.23
CA SER E 138 43.27 6.91 20.37
C SER E 138 42.06 7.19 19.45
N ASP E 139 42.09 8.26 18.67
CA ASP E 139 40.99 8.48 17.76
C ASP E 139 40.91 7.39 16.69
N ILE E 140 39.70 7.13 16.23
CA ILE E 140 39.55 6.14 15.16
C ILE E 140 39.88 6.83 13.84
N VAL E 141 40.80 6.23 13.09
CA VAL E 141 41.22 6.80 11.80
C VAL E 141 40.45 6.11 10.69
N MET E 142 39.72 6.91 9.89
CA MET E 142 38.97 6.45 8.73
C MET E 142 39.75 6.77 7.49
N THR E 143 39.99 5.76 6.66
CA THR E 143 40.76 5.98 5.44
C THR E 143 39.93 5.64 4.22
N GLN E 144 40.09 6.46 3.19
CA GLN E 144 39.55 6.24 1.86
C GLN E 144 40.72 6.36 0.91
N ALA E 145 41.28 5.21 0.55
CA ALA E 145 42.53 5.17 -0.20
C ALA E 145 42.44 5.85 -1.53
N ALA E 146 41.29 5.78 -2.19
CA ALA E 146 41.20 6.38 -3.53
C ALA E 146 40.74 7.82 -3.46
N PRO E 147 41.53 8.76 -3.95
CA PRO E 147 40.97 10.12 -3.96
C PRO E 147 39.82 10.32 -4.97
N SER E 148 39.79 9.51 -6.02
CA SER E 148 38.75 9.59 -7.02
C SER E 148 38.47 8.25 -7.69
N VAL E 149 37.28 8.16 -8.27
CA VAL E 149 36.93 7.07 -9.16
C VAL E 149 36.29 7.66 -10.40
N SER E 150 36.60 7.08 -11.56
CA SER E 150 36.14 7.58 -12.86
C SER E 150 35.40 6.42 -13.52
N VAL E 151 34.16 6.67 -13.91
CA VAL E 151 33.25 5.63 -14.31
C VAL E 151 32.49 6.10 -15.61
N THR E 152 32.27 5.23 -16.57
CA THR E 152 31.36 5.52 -17.65
C THR E 152 29.92 5.53 -17.13
N PRO E 153 29.11 6.53 -17.51
CA PRO E 153 27.72 6.53 -17.09
C PRO E 153 27.07 5.16 -17.38
N GLY E 154 26.34 4.65 -16.40
CA GLY E 154 25.58 3.42 -16.48
C GLY E 154 26.27 2.20 -15.94
N GLU E 155 27.59 2.31 -15.73
CA GLU E 155 28.38 1.26 -15.12
C GLU E 155 28.24 1.31 -13.61
N SER E 156 28.66 0.24 -12.96
CA SER E 156 28.75 0.22 -11.51
C SER E 156 30.12 0.63 -11.01
N VAL E 157 30.14 1.04 -9.73
CA VAL E 157 31.44 1.37 -9.07
C VAL E 157 31.39 0.93 -7.61
N SER E 158 32.57 0.63 -7.06
CA SER E 158 32.75 0.29 -5.64
C SER E 158 33.70 1.35 -5.04
N ILE E 159 33.38 1.86 -3.86
CA ILE E 159 34.23 2.81 -3.16
C ILE E 159 34.55 2.22 -1.78
N SER E 160 35.83 2.13 -1.46
CA SER E 160 36.29 1.50 -0.25
C SER E 160 36.60 2.50 0.87
N CYS E 161 36.33 2.07 2.10
CA CYS E 161 36.67 2.81 3.30
C CYS E 161 37.19 1.80 4.31
N ARG E 162 38.10 2.24 5.18
CA ARG E 162 38.55 1.37 6.26
C ARG E 162 38.60 2.15 7.58
N SER E 163 38.54 1.42 8.67
CA SER E 163 38.69 2.01 9.98
C SER E 163 39.86 1.37 10.70
N SER E 164 40.46 2.12 11.60
CA SER E 164 41.64 1.65 12.35
C SER E 164 41.27 0.76 13.53
N LYS E 165 39.99 0.77 13.90
CA LYS E 165 39.40 -0.07 14.92
C LYS E 165 38.08 -0.60 14.38
N SER E 166 37.64 -1.75 14.85
CA SER E 166 36.33 -2.28 14.50
C SER E 166 35.25 -1.28 14.85
N LEU E 167 34.28 -1.16 13.93
CA LEU E 167 33.10 -0.33 14.15
C LEU E 167 31.89 -1.16 14.56
N LEU E 168 32.13 -2.44 14.78
CA LEU E 168 31.07 -3.33 15.25
C LEU E 168 30.83 -3.12 16.74
N HIS E 169 29.60 -2.79 17.09
CA HIS E 169 29.19 -2.58 18.45
C HIS E 169 28.71 -3.91 19.03
N ARG E 170 28.78 -4.02 20.35
CA ARG E 170 28.21 -5.23 20.99
C ARG E 170 26.74 -5.47 20.67
N ASN E 171 25.97 -4.42 20.30
CA ASN E 171 24.55 -4.60 19.96
C ASN E 171 24.36 -5.26 18.60
N GLY E 172 25.46 -5.47 17.86
CA GLY E 172 25.39 -6.19 16.59
C GLY E 172 25.36 -5.26 15.39
N ASN E 173 25.19 -3.95 15.62
CA ASN E 173 25.24 -2.95 14.53
C ASN E 173 26.64 -2.45 14.32
N THR E 174 26.92 -2.05 13.10
CA THR E 174 28.22 -1.49 12.76
C THR E 174 28.03 0.00 12.47
N TYR E 175 28.72 0.88 13.20
CA TYR E 175 28.40 2.31 13.15
C TYR E 175 29.24 3.06 12.11
N LEU E 176 29.03 2.64 10.87
CA LEU E 176 29.67 3.19 9.67
C LEU E 176 28.58 3.83 8.84
N PHE E 177 28.87 5.03 8.32
CA PHE E 177 27.91 5.81 7.55
C PHE E 177 28.57 6.29 6.28
N TRP E 178 27.77 6.39 5.22
CA TRP E 178 28.21 6.93 3.96
C TRP E 178 27.37 8.16 3.61
N PHE E 179 28.10 9.19 3.17
CA PHE E 179 27.53 10.45 2.71
C PHE E 179 27.97 10.82 1.29
N LEU E 180 27.08 11.49 0.55
CA LEU E 180 27.48 12.12 -0.71
C LEU E 180 27.43 13.64 -0.47
N GLN E 181 28.48 14.35 -0.83
CA GLN E 181 28.49 15.79 -0.81
C GLN E 181 28.76 16.29 -2.20
N ARG E 182 27.72 16.88 -2.76
CA ARG E 182 27.89 17.55 -4.03
C ARG E 182 28.46 18.89 -3.83
N PRO E 183 29.06 19.41 -4.89
CA PRO E 183 29.68 20.70 -4.73
C PRO E 183 28.72 21.82 -4.24
N GLY E 184 29.12 22.52 -3.19
CA GLY E 184 28.28 23.56 -2.60
C GLY E 184 27.07 23.14 -1.77
N GLN E 185 26.88 21.84 -1.57
CA GLN E 185 25.70 21.39 -0.86
CA GLN E 185 25.71 21.30 -0.88
C GLN E 185 26.11 20.74 0.47
N SER E 186 25.14 20.60 1.35
CA SER E 186 25.35 19.89 2.57
CA SER E 186 25.38 19.87 2.57
C SER E 186 25.53 18.40 2.25
N PRO E 187 26.25 17.67 3.09
CA PRO E 187 26.28 16.21 2.89
C PRO E 187 24.90 15.60 2.96
N GLN E 188 24.68 14.55 2.19
CA GLN E 188 23.45 13.77 2.18
C GLN E 188 23.78 12.37 2.68
N LEU E 189 23.05 11.91 3.69
CA LEU E 189 23.22 10.58 4.20
C LEU E 189 22.70 9.57 3.19
N LEU E 190 23.53 8.60 2.81
CA LEU E 190 23.18 7.57 1.84
C LEU E 190 22.88 6.22 2.53
N ILE E 191 23.81 5.81 3.40
CA ILE E 191 23.82 4.49 4.03
C ILE E 191 24.11 4.69 5.50
N TYR E 192 23.25 4.11 6.34
CA TYR E 192 23.45 4.18 7.76
C TYR E 192 23.69 2.82 8.36
N ARG E 193 24.51 2.78 9.42
CA ARG E 193 24.85 1.54 10.07
C ARG E 193 25.26 0.44 9.06
N MET E 194 26.18 0.85 8.19
CA MET E 194 26.88 0.01 7.26
C MET E 194 26.13 -0.44 6.02
N SER E 195 24.88 -0.82 6.19
CA SER E 195 24.17 -1.52 5.12
C SER E 195 22.73 -1.03 4.86
N ASN E 196 22.24 -0.03 5.60
CA ASN E 196 20.84 0.40 5.50
C ASN E 196 20.72 1.64 4.62
N LEU E 197 19.83 1.57 3.65
CA LEU E 197 19.56 2.67 2.77
C LEU E 197 18.77 3.75 3.52
N ALA E 198 19.25 4.99 3.48
CA ALA E 198 18.53 6.09 4.09
C ALA E 198 17.28 6.46 3.26
N SER E 199 16.34 7.11 3.94
CA SER E 199 15.08 7.46 3.26
C SER E 199 15.37 8.41 2.08
N GLY E 200 14.68 8.13 0.98
CA GLY E 200 14.81 8.89 -0.26
C GLY E 200 16.00 8.55 -1.14
N VAL E 201 16.86 7.61 -0.70
CA VAL E 201 18.04 7.28 -1.51
C VAL E 201 17.68 6.13 -2.45
N PRO E 202 18.06 6.23 -3.74
CA PRO E 202 17.69 5.18 -4.71
C PRO E 202 18.37 3.88 -4.38
N ASP E 203 17.72 2.77 -4.77
CA ASP E 203 18.22 1.42 -4.51
C ASP E 203 19.40 1.03 -5.39
N ARG E 204 19.88 1.96 -6.21
CA ARG E 204 21.20 1.85 -6.82
C ARG E 204 22.37 1.87 -5.81
N PHE E 205 22.13 2.43 -4.62
CA PHE E 205 23.13 2.47 -3.58
C PHE E 205 22.99 1.28 -2.67
N SER E 206 24.13 0.71 -2.27
CA SER E 206 24.14 -0.32 -1.21
C SER E 206 25.46 -0.32 -0.47
N GLY E 207 25.50 -0.89 0.70
CA GLY E 207 26.72 -0.94 1.52
C GLY E 207 26.90 -2.29 2.17
N SER E 208 28.16 -2.65 2.33
CA SER E 208 28.53 -3.88 3.00
C SER E 208 29.83 -3.67 3.73
N GLY E 209 30.26 -4.64 4.50
CA GLY E 209 31.57 -4.57 5.13
C GLY E 209 31.79 -5.61 6.20
N SER E 210 33.03 -5.62 6.70
CA SER E 210 33.47 -6.37 7.88
C SER E 210 33.40 -5.38 9.03
N GLY E 211 34.09 -5.63 10.11
CA GLY E 211 34.32 -4.67 11.17
C GLY E 211 35.17 -3.46 10.84
N THR E 212 36.09 -3.61 9.87
CA THR E 212 37.10 -2.60 9.57
C THR E 212 37.25 -2.24 8.10
N ALA E 213 36.54 -2.93 7.21
CA ALA E 213 36.61 -2.62 5.79
C ALA E 213 35.22 -2.56 5.23
N PHE E 214 34.93 -1.52 4.48
CA PHE E 214 33.60 -1.24 4.06
C PHE E 214 33.58 -0.90 2.59
N THR E 215 32.45 -1.16 1.94
CA THR E 215 32.31 -0.87 0.48
C THR E 215 30.95 -0.26 0.20
N LEU E 216 30.96 0.92 -0.40
CA LEU E 216 29.75 1.49 -0.96
C LEU E 216 29.73 1.07 -2.42
N ARG E 217 28.60 0.55 -2.87
CA ARG E 217 28.41 0.17 -4.27
CA ARG E 217 28.42 0.15 -4.25
C ARG E 217 27.31 1.00 -4.88
N ILE E 218 27.57 1.47 -6.07
CA ILE E 218 26.60 2.25 -6.83
C ILE E 218 26.44 1.56 -8.16
N SER E 219 25.23 1.12 -8.43
CA SER E 219 24.94 0.66 -9.79
C SER E 219 24.39 1.79 -10.70
N ARG E 220 24.51 1.60 -12.00
CA ARG E 220 24.01 2.51 -13.01
C ARG E 220 24.33 3.94 -12.63
N VAL E 221 25.60 4.20 -12.46
CA VAL E 221 26.06 5.54 -12.07
C VAL E 221 25.51 6.61 -13.03
N GLU E 222 25.03 7.72 -12.48
CA GLU E 222 24.45 8.79 -13.25
C GLU E 222 24.94 10.11 -12.70
N ALA E 223 24.58 11.19 -13.41
CA ALA E 223 25.08 12.54 -13.11
C ALA E 223 24.77 12.98 -11.67
N GLU E 224 23.59 12.59 -11.17
CA GLU E 224 23.19 12.96 -9.84
C GLU E 224 24.12 12.40 -8.79
N ASP E 225 24.90 11.37 -9.15
CA ASP E 225 25.84 10.74 -8.23
C ASP E 225 27.18 11.42 -8.16
N VAL E 226 27.43 12.41 -9.03
CA VAL E 226 28.69 13.09 -9.02
C VAL E 226 28.90 13.96 -7.80
N GLY E 227 30.05 13.81 -7.16
CA GLY E 227 30.39 14.53 -5.95
C GLY E 227 31.37 13.76 -5.16
N VAL E 228 31.55 14.10 -3.89
CA VAL E 228 32.51 13.45 -3.02
C VAL E 228 31.78 12.55 -2.01
N TYR E 229 32.22 11.29 -1.96
CA TYR E 229 31.68 10.30 -1.03
C TYR E 229 32.55 10.21 0.19
N TYR E 230 31.97 10.36 1.38
CA TYR E 230 32.67 10.27 2.64
C TYR E 230 32.09 9.15 3.46
N CYS E 231 32.98 8.36 4.08
CA CYS E 231 32.53 7.52 5.16
C CYS E 231 32.77 8.23 6.49
N MET E 232 32.07 7.77 7.53
CA MET E 232 32.17 8.35 8.87
C MET E 232 31.87 7.28 9.87
N GLN E 233 32.56 7.34 11.00
CA GLN E 233 32.21 6.47 12.12
C GLN E 233 31.49 7.27 13.19
N HIS E 234 30.43 6.66 13.75
CA HIS E 234 29.71 7.23 14.89
C HIS E 234 29.75 6.18 16.02
N LEU E 235 30.85 5.47 16.17
CA LEU E 235 31.01 4.56 17.32
C LEU E 235 31.50 5.32 18.58
N GLU E 236 32.57 6.07 18.45
CA GLU E 236 33.21 6.72 19.59
C GLU E 236 33.63 8.14 19.31
N TYR E 237 33.48 8.99 20.32
CA TYR E 237 34.01 10.35 20.21
C TYR E 237 35.54 10.34 20.08
N PRO E 238 36.14 11.26 19.33
CA PRO E 238 35.43 12.15 18.40
C PRO E 238 35.01 11.40 17.15
N TYR E 239 33.83 11.73 16.62
CA TYR E 239 33.44 11.13 15.34
C TYR E 239 34.43 11.59 14.28
N THR E 240 34.67 10.69 13.33
CA THR E 240 35.70 10.90 12.34
C THR E 240 35.25 10.47 10.94
N PHE E 241 35.70 11.22 9.94
CA PHE E 241 35.40 10.99 8.55
C PHE E 241 36.61 10.51 7.79
N GLY E 242 36.38 9.73 6.74
CA GLY E 242 37.43 9.46 5.77
C GLY E 242 37.71 10.70 4.94
N SER E 243 38.76 10.61 4.11
CA SER E 243 39.25 11.73 3.34
C SER E 243 38.45 12.04 2.10
N GLY E 244 37.49 11.19 1.76
CA GLY E 244 36.60 11.46 0.63
C GLY E 244 37.09 10.87 -0.70
N THR E 245 36.16 10.33 -1.47
CA THR E 245 36.46 9.82 -2.78
C THR E 245 35.52 10.55 -3.76
N LYS E 246 36.13 11.23 -4.72
CA LYS E 246 35.39 12.02 -5.70
C LYS E 246 34.97 11.12 -6.85
N LEU E 247 33.68 11.07 -7.16
CA LEU E 247 33.19 10.33 -8.33
CA LEU E 247 33.20 10.34 -8.33
C LEU E 247 33.12 11.26 -9.54
N GLU E 248 33.75 10.81 -10.62
CA GLU E 248 33.74 11.54 -11.88
C GLU E 248 33.17 10.64 -12.95
N LEU E 249 32.54 11.24 -13.95
CA LEU E 249 32.02 10.51 -15.08
C LEU E 249 32.90 10.71 -16.28
N LYS E 250 33.15 9.64 -17.00
CA LYS E 250 33.90 9.73 -18.25
C LYS E 250 32.94 10.30 -19.31
N VAL E 251 33.42 11.25 -20.11
CA VAL E 251 32.64 11.85 -21.20
C VAL E 251 33.14 11.24 -22.52
N ASP F 1 16.36 4.79 26.53
CA ASP F 1 16.22 6.14 27.16
C ASP F 1 17.12 7.14 26.49
N ILE F 2 16.74 8.42 26.55
CA ILE F 2 17.59 9.48 25.98
C ILE F 2 18.85 9.48 26.79
N ASN F 3 20.00 9.62 26.14
CA ASN F 3 21.26 9.80 26.83
C ASN F 3 21.64 11.26 26.72
N TYR F 4 21.52 11.97 27.83
CA TYR F 4 21.76 13.39 27.87
C TYR F 4 23.21 13.80 27.93
N TYR F 5 24.15 12.83 28.02
CA TYR F 5 25.58 13.17 28.22
C TYR F 5 26.51 12.62 27.17
N THR F 6 26.07 11.64 26.38
CA THR F 6 26.82 11.24 25.19
C THR F 6 25.87 10.77 24.13
N SER F 7 26.21 11.07 22.86
CA SER F 7 25.48 10.58 21.70
C SER F 7 25.98 9.21 21.21
N GLU F 8 27.04 8.70 21.85
CA GLU F 8 27.68 7.45 21.43
C GLU F 8 26.75 6.29 21.69
N PRO F 9 26.60 5.38 20.71
CA PRO F 9 25.70 4.24 20.91
C PRO F 9 26.17 3.30 22.01
N VAL G 2 -28.19 20.07 5.93
CA VAL G 2 -27.12 20.54 6.88
C VAL G 2 -26.05 21.30 6.16
N GLN G 3 -25.71 22.43 6.73
CA GLN G 3 -24.63 23.19 6.26
C GLN G 3 -23.86 23.45 7.55
N LEU G 4 -22.60 23.17 7.46
CA LEU G 4 -21.67 23.68 8.42
C LEU G 4 -20.88 24.66 7.58
N GLN G 5 -21.05 25.96 7.81
CA GLN G 5 -20.36 26.98 7.03
C GLN G 5 -19.23 27.60 7.78
N GLN G 6 -17.99 27.45 7.29
CA GLN G 6 -16.82 27.97 7.96
C GLN G 6 -16.41 29.35 7.47
N SER G 7 -15.72 30.09 8.32
CA SER G 7 -15.20 31.41 7.98
C SER G 7 -13.88 31.42 7.13
N GLY G 8 -13.38 32.59 6.73
CA GLY G 8 -12.33 32.67 5.73
C GLY G 8 -10.87 32.45 6.06
N ALA G 9 -10.05 32.37 5.00
CA ALA G 9 -8.62 32.14 5.11
C ALA G 9 -7.87 33.17 5.95
N GLU G 10 -6.80 32.70 6.61
CA GLU G 10 -5.89 33.51 7.36
C GLU G 10 -4.56 33.30 6.73
N LEU G 11 -3.91 34.41 6.37
CA LEU G 11 -2.48 34.43 6.15
C LEU G 11 -1.93 35.37 7.22
N VAL G 12 -0.93 34.89 7.98
CA VAL G 12 -0.43 35.60 9.16
C VAL G 12 1.05 35.37 9.47
N ARG G 13 1.64 36.34 10.17
CA ARG G 13 3.02 36.24 10.62
C ARG G 13 3.09 35.28 11.79
N PRO G 14 4.25 34.62 11.98
CA PRO G 14 4.42 33.82 13.17
C PRO G 14 4.07 34.60 14.45
N GLY G 15 3.49 33.89 15.42
CA GLY G 15 3.13 34.49 16.71
C GLY G 15 1.71 35.05 16.79
N THR G 16 1.04 35.11 15.67
CA THR G 16 -0.31 35.60 15.60
C THR G 16 -1.28 34.54 16.26
N SER G 17 -2.40 35.04 16.78
CA SER G 17 -3.57 34.19 17.18
C SER G 17 -4.73 34.48 16.22
N VAL G 18 -5.44 33.43 15.83
CA VAL G 18 -6.65 33.59 15.00
C VAL G 18 -7.88 32.91 15.65
N LYS G 19 -9.08 33.37 15.33
CA LYS G 19 -10.34 32.71 15.76
C LYS G 19 -11.22 32.51 14.55
N MET G 20 -11.61 31.26 14.35
CA MET G 20 -12.44 30.90 13.19
C MET G 20 -13.80 30.39 13.63
N SER G 21 -14.78 30.45 12.73
CA SER G 21 -16.13 30.05 13.05
C SER G 21 -16.68 28.94 12.17
N CYS G 22 -17.71 28.27 12.68
CA CYS G 22 -18.40 27.18 12.04
C CYS G 22 -19.89 27.30 12.36
N LYS G 23 -20.64 27.87 11.41
CA LYS G 23 -22.06 28.14 11.58
C LYS G 23 -22.84 26.94 11.12
N ALA G 24 -23.66 26.40 12.00
CA ALA G 24 -24.50 25.22 11.78
C ALA G 24 -25.98 25.48 11.49
N ALA G 25 -26.62 24.42 10.95
CA ALA G 25 -28.04 24.40 10.58
C ALA G 25 -28.55 22.96 10.28
N GLY G 26 -29.84 22.68 10.50
CA GLY G 26 -30.46 21.42 10.03
C GLY G 26 -30.55 20.32 11.07
N TYR G 27 -30.18 20.60 12.30
CA TYR G 27 -30.24 19.56 13.34
C TYR G 27 -30.25 20.29 14.68
N THR G 28 -30.42 19.58 15.81
CA THR G 28 -30.39 20.19 17.14
C THR G 28 -28.93 20.51 17.53
N PHE G 29 -28.59 21.79 17.40
CA PHE G 29 -27.20 22.28 17.65
C PHE G 29 -26.71 21.87 19.04
N THR G 30 -27.60 21.91 20.04
CA THR G 30 -27.24 21.57 21.41
C THR G 30 -27.17 20.08 21.73
N LYS G 31 -27.44 19.23 20.74
CA LYS G 31 -27.53 17.79 20.99
C LYS G 31 -26.27 17.00 20.60
N TYR G 32 -25.52 17.60 19.66
CA TYR G 32 -24.38 16.89 19.04
C TYR G 32 -23.01 17.53 19.24
N TRP G 33 -22.04 16.71 19.63
CA TRP G 33 -20.64 17.08 19.58
C TRP G 33 -20.20 17.62 18.20
N ILE G 34 -19.29 18.59 18.24
CA ILE G 34 -18.65 19.13 17.02
C ILE G 34 -17.17 18.94 17.22
N GLY G 35 -16.54 18.25 16.26
CA GLY G 35 -15.08 18.07 16.34
C GLY G 35 -14.38 18.92 15.31
N TRP G 36 -13.09 19.11 15.56
CA TRP G 36 -12.27 19.92 14.74
C TRP G 36 -11.03 19.13 14.33
N VAL G 37 -10.70 19.27 13.06
CA VAL G 37 -9.64 18.46 12.40
C VAL G 37 -8.70 19.37 11.61
N LYS G 38 -7.39 19.04 11.68
CA LYS G 38 -6.34 19.74 10.97
C LYS G 38 -5.83 18.90 9.83
N GLN G 39 -5.82 19.51 8.64
CA GLN G 39 -5.30 18.89 7.43
C GLN G 39 -4.08 19.71 6.98
N ARG G 40 -2.91 19.15 7.24
CA ARG G 40 -1.67 19.85 6.94
CA ARG G 40 -1.64 19.82 6.98
C ARG G 40 -0.92 19.03 5.91
N PRO G 41 -0.46 19.71 4.83
CA PRO G 41 0.26 18.99 3.81
C PRO G 41 1.39 18.17 4.40
N GLY G 42 1.41 16.89 4.04
CA GLY G 42 2.39 15.96 4.50
C GLY G 42 2.10 15.33 5.83
N HIS G 43 1.03 15.78 6.50
CA HIS G 43 0.66 15.24 7.80
C HIS G 43 -0.80 14.80 7.87
N GLY G 44 -1.37 14.45 6.71
CA GLY G 44 -2.69 13.81 6.64
C GLY G 44 -3.74 14.60 7.40
N LEU G 45 -4.44 13.92 8.30
CA LEU G 45 -5.50 14.51 9.15
C LEU G 45 -5.16 14.30 10.61
N GLU G 46 -5.42 15.31 11.42
CA GLU G 46 -5.15 15.20 12.87
C GLU G 46 -6.34 15.78 13.63
N TRP G 47 -6.73 15.12 14.71
CA TRP G 47 -7.88 15.56 15.47
C TRP G 47 -7.49 16.49 16.61
N ILE G 48 -8.16 17.61 16.70
CA ILE G 48 -7.82 18.64 17.66
C ILE G 48 -8.58 18.48 18.99
N GLY G 49 -9.89 18.36 18.86
CA GLY G 49 -10.76 18.33 20.02
C GLY G 49 -12.21 18.37 19.64
N ASP G 50 -13.12 18.27 20.64
CA ASP G 50 -14.55 18.39 20.37
C ASP G 50 -15.26 19.15 21.50
N ILE G 51 -16.47 19.63 21.17
CA ILE G 51 -17.23 20.42 22.10
C ILE G 51 -18.68 20.03 21.97
N HIS G 52 -19.37 20.04 23.10
CA HIS G 52 -20.77 19.77 23.15
C HIS G 52 -21.49 21.10 23.41
N PRO G 53 -22.15 21.66 22.40
CA PRO G 53 -22.72 23.01 22.64
C PRO G 53 -23.90 23.04 23.62
N GLY G 54 -24.52 21.89 23.92
CA GLY G 54 -25.54 21.85 24.98
C GLY G 54 -25.08 21.80 26.42
N SER G 55 -24.06 20.98 26.72
CA SER G 55 -23.51 20.85 28.05
C SER G 55 -22.39 21.80 28.30
N PHE G 56 -21.81 22.31 27.21
CA PHE G 56 -20.67 23.23 27.24
C PHE G 56 -19.31 22.53 27.44
N TYR G 57 -19.31 21.21 27.63
CA TYR G 57 -18.07 20.45 27.90
C TYR G 57 -17.23 20.34 26.64
N SER G 58 -15.91 20.39 26.80
CA SER G 58 -15.02 20.22 25.66
C SER G 58 -13.88 19.29 26.03
N ASN G 59 -13.29 18.67 25.01
CA ASN G 59 -12.16 17.77 25.20
C ASN G 59 -11.13 17.99 24.12
N TYR G 60 -9.88 17.99 24.55
CA TYR G 60 -8.72 18.37 23.72
C TYR G 60 -7.70 17.29 23.57
N ASN G 61 -7.13 17.23 22.37
CA ASN G 61 -5.85 16.55 22.20
C ASN G 61 -4.75 17.31 22.94
N GLU G 62 -3.96 16.60 23.78
CA GLU G 62 -2.87 17.24 24.56
C GLU G 62 -1.92 17.98 23.68
N LYS G 63 -1.76 17.48 22.46
CA LYS G 63 -0.88 18.12 21.49
C LYS G 63 -1.40 19.52 21.20
N PHE G 64 -2.72 19.72 21.38
CA PHE G 64 -3.32 21.01 21.10
C PHE G 64 -3.73 21.78 22.35
N LYS G 65 -3.49 21.21 23.54
CA LYS G 65 -3.73 21.97 24.76
C LYS G 65 -2.81 23.18 24.78
N GLY G 66 -3.39 24.35 24.98
CA GLY G 66 -2.64 25.60 24.91
C GLY G 66 -2.51 26.17 23.50
N LYS G 67 -2.86 25.40 22.48
CA LYS G 67 -2.85 25.87 21.09
C LYS G 67 -4.28 26.25 20.67
N ALA G 68 -5.19 25.30 20.87
CA ALA G 68 -6.57 25.46 20.44
C ALA G 68 -7.49 25.67 21.60
N THR G 69 -8.44 26.59 21.41
CA THR G 69 -9.56 26.75 22.33
C THR G 69 -10.91 26.65 21.61
N LEU G 70 -11.78 25.73 22.06
CA LEU G 70 -13.10 25.56 21.42
C LEU G 70 -14.16 26.23 22.25
N THR G 71 -15.05 26.94 21.56
CA THR G 71 -16.22 27.58 22.18
C THR G 71 -17.46 27.40 21.28
N ALA G 72 -18.65 27.73 21.78
CA ALA G 72 -19.84 27.72 20.98
C ALA G 72 -20.82 28.74 21.49
N ASP G 73 -21.69 29.20 20.60
CA ASP G 73 -22.71 30.19 20.89
C ASP G 73 -24.05 29.66 20.44
N THR G 74 -24.88 29.24 21.39
CA THR G 74 -26.15 28.63 20.95
C THR G 74 -27.12 29.63 20.37
N SER G 75 -27.04 30.89 20.76
CA SER G 75 -27.93 31.91 20.19
C SER G 75 -27.75 32.09 18.68
N SER G 76 -26.56 31.78 18.15
CA SER G 76 -26.30 31.91 16.71
C SER G 76 -25.94 30.56 16.06
N SER G 77 -26.12 29.45 16.78
CA SER G 77 -25.74 28.11 16.35
C SER G 77 -24.35 28.09 15.72
N THR G 78 -23.37 28.73 16.37
CA THR G 78 -22.03 28.85 15.83
C THR G 78 -21.02 28.27 16.81
N ALA G 79 -20.15 27.42 16.31
CA ALA G 79 -18.97 26.95 17.01
C ALA G 79 -17.73 27.74 16.57
N TYR G 80 -16.78 27.91 17.49
CA TYR G 80 -15.55 28.67 17.21
C TYR G 80 -14.32 27.89 17.64
N MET G 81 -13.20 28.12 16.95
CA MET G 81 -11.92 27.61 17.36
C MET G 81 -10.90 28.74 17.29
N GLN G 82 -10.21 28.98 18.42
CA GLN G 82 -9.11 29.94 18.46
C GLN G 82 -7.81 29.17 18.44
N LEU G 83 -6.84 29.61 17.62
CA LEU G 83 -5.50 29.02 17.63
C LEU G 83 -4.52 30.13 18.00
N SER G 84 -3.65 29.88 18.96
CA SER G 84 -2.71 30.94 19.35
C SER G 84 -1.27 30.54 19.08
N SER G 85 -0.39 31.54 19.21
CA SER G 85 1.05 31.35 19.03
C SER G 85 1.39 30.59 17.77
N LEU G 86 0.87 31.10 16.65
CA LEU G 86 0.92 30.38 15.38
C LEU G 86 2.32 30.34 14.76
N THR G 87 2.75 29.13 14.40
CA THR G 87 4.04 28.86 13.80
C THR G 87 3.78 28.13 12.47
N SER G 88 4.82 27.93 11.66
CA SER G 88 4.64 27.27 10.38
C SER G 88 4.11 25.84 10.50
N GLU G 89 4.37 25.18 11.63
CA GLU G 89 3.74 23.89 11.98
C GLU G 89 2.19 23.90 11.98
N ASP G 90 1.58 25.07 12.09
CA ASP G 90 0.13 25.24 12.20
C ASP G 90 -0.50 25.64 10.86
N SER G 91 0.33 25.81 9.83
CA SER G 91 -0.21 26.11 8.51
C SER G 91 -0.93 24.87 8.00
N ALA G 92 -2.23 25.00 7.75
CA ALA G 92 -3.14 23.85 7.49
C ALA G 92 -4.53 24.33 7.11
N ILE G 93 -5.36 23.40 6.64
CA ILE G 93 -6.78 23.63 6.53
C ILE G 93 -7.45 23.03 7.77
N TYR G 94 -8.38 23.80 8.38
CA TYR G 94 -9.06 23.38 9.59
C TYR G 94 -10.53 23.19 9.34
N TYR G 95 -11.05 22.00 9.70
CA TYR G 95 -12.44 21.64 9.51
C TYR G 95 -13.17 21.48 10.81
N CYS G 96 -14.45 21.87 10.79
CA CYS G 96 -15.39 21.42 11.79
C CYS G 96 -16.23 20.29 11.19
N ALA G 97 -16.69 19.43 12.07
CA ALA G 97 -17.52 18.28 11.64
C ALA G 97 -18.49 17.94 12.76
N ARG G 98 -19.73 17.64 12.37
CA ARG G 98 -20.72 17.18 13.33
CA ARG G 98 -20.68 17.16 13.39
C ARG G 98 -20.55 15.68 13.63
N ASP G 99 -20.51 15.29 14.86
N ASP G 99 -20.46 15.35 14.92
CA ASP G 99 -20.68 13.92 15.14
CA ASP G 99 -20.27 13.96 15.52
C ASP G 99 -22.18 13.62 15.03
C ASP G 99 -21.57 13.25 15.88
N TYR G 100 -22.60 12.89 14.01
N TYR G 100 -21.97 12.29 15.05
CA TYR G 100 -23.95 12.29 14.00
CA TYR G 100 -23.27 11.66 15.19
C TYR G 100 -23.88 10.82 14.43
C TYR G 100 -23.03 10.27 15.75
N TYR G 101 -24.08 10.57 15.71
N TYR G 101 -23.15 10.13 17.06
CA TYR G 101 -24.00 9.21 16.26
CA TYR G 101 -23.04 8.80 17.65
C TYR G 101 -22.70 8.48 15.86
C TYR G 101 -21.75 8.07 17.24
N THR G 102 -21.61 9.26 15.92
N THR G 102 -20.66 8.85 17.15
CA THR G 102 -20.21 8.82 15.70
CA THR G 102 -19.27 8.47 16.78
C THR G 102 -19.78 8.96 14.24
C THR G 102 -18.91 8.64 15.27
N ASN G 103 -20.72 9.20 13.35
N ASN G 103 -19.90 8.87 14.40
CA ASN G 103 -20.41 9.47 11.96
CA ASN G 103 -19.63 9.15 12.97
C ASN G 103 -19.93 10.91 11.94
C ASN G 103 -19.42 10.65 12.63
N TYR G 104 -18.61 11.13 12.14
N TYR G 104 -18.51 10.99 11.66
CA TYR G 104 -18.08 12.43 11.84
CA TYR G 104 -18.44 12.37 11.01
C TYR G 104 -18.45 12.44 10.35
C TYR G 104 -18.90 12.50 9.53
N GLY G 105 -19.68 12.85 10.04
N GLY G 105 -20.22 12.56 9.34
CA GLY G 105 -20.26 12.72 8.69
CA GLY G 105 -20.77 12.70 8.00
C GLY G 105 -20.73 13.92 7.83
C GLY G 105 -20.85 14.12 7.54
N ASP G 106 -21.00 15.07 8.48
CA ASP G 106 -21.14 16.42 7.93
C ASP G 106 -19.90 17.21 8.29
N TRP G 107 -19.38 17.87 7.28
CA TRP G 107 -18.14 18.62 7.38
C TRP G 107 -18.35 20.01 6.85
N GLY G 108 -17.71 20.97 7.50
CA GLY G 108 -17.56 22.24 6.89
C GLY G 108 -16.62 22.23 5.69
N GLN G 109 -16.54 23.34 4.96
CA GLN G 109 -15.70 23.43 3.76
C GLN G 109 -14.23 23.64 4.06
N GLY G 110 -13.93 23.93 5.33
CA GLY G 110 -12.56 24.16 5.77
C GLY G 110 -12.16 25.63 5.77
N THR G 111 -11.35 26.00 6.74
CA THR G 111 -10.76 27.35 6.82
C THR G 111 -9.25 27.18 6.71
N SER G 112 -8.65 27.79 5.69
CA SER G 112 -7.22 27.75 5.50
C SER G 112 -6.53 28.76 6.42
N VAL G 113 -5.48 28.30 7.13
CA VAL G 113 -4.58 29.16 7.88
C VAL G 113 -3.17 28.93 7.36
N THR G 114 -2.52 29.98 6.89
CA THR G 114 -1.12 29.89 6.47
C THR G 114 -0.30 30.91 7.27
N VAL G 115 0.85 30.48 7.76
CA VAL G 115 1.68 31.30 8.62
C VAL G 115 2.93 31.58 7.80
N SER G 116 3.11 32.85 7.46
CA SER G 116 4.10 33.31 6.49
C SER G 116 5.52 33.13 7.01
N ASP G 139 -0.99 7.47 23.40
CA ASP G 139 -1.94 7.45 22.28
CA ASP G 139 -1.76 7.53 22.15
C ASP G 139 -1.90 6.32 21.25
N ILE G 140 -3.10 6.10 20.69
CA ILE G 140 -3.24 5.10 19.64
C ILE G 140 -2.63 5.64 18.31
N VAL G 141 -1.69 4.87 17.78
CA VAL G 141 -1.03 5.23 16.53
C VAL G 141 -1.71 4.45 15.43
N MET G 142 -2.22 5.17 14.42
CA MET G 142 -2.88 4.59 13.22
C MET G 142 -1.87 4.67 12.06
N THR G 143 -1.63 3.56 11.39
CA THR G 143 -0.67 3.48 10.28
C THR G 143 -1.33 2.91 9.02
N GLN G 144 -0.93 3.43 7.88
CA GLN G 144 -1.39 2.92 6.57
C GLN G 144 -0.13 2.62 5.77
N ALA G 145 0.13 1.31 5.60
CA ALA G 145 1.40 0.87 5.02
C ALA G 145 1.66 1.42 3.62
N ALA G 146 0.60 1.59 2.81
CA ALA G 146 0.81 2.03 1.43
C ALA G 146 0.53 3.53 1.29
N PRO G 147 1.51 4.29 0.86
CA PRO G 147 1.25 5.72 0.63
C PRO G 147 0.29 5.92 -0.54
N SER G 148 0.28 4.98 -1.50
CA SER G 148 -0.56 5.13 -2.66
C SER G 148 -0.96 3.78 -3.25
N VAL G 149 -2.02 3.81 -4.05
CA VAL G 149 -2.41 2.67 -4.89
C VAL G 149 -2.70 3.21 -6.26
N SER G 150 -2.33 2.43 -7.27
CA SER G 150 -2.52 2.80 -8.68
CA SER G 150 -2.54 2.83 -8.65
C SER G 150 -3.39 1.73 -9.27
N VAL G 151 -4.53 2.11 -9.87
CA VAL G 151 -5.59 1.20 -10.23
C VAL G 151 -6.07 1.51 -11.66
N THR G 152 -6.33 0.47 -12.43
CA THR G 152 -7.04 0.59 -13.74
C THR G 152 -8.50 0.82 -13.50
N PRO G 153 -9.11 1.82 -14.19
CA PRO G 153 -10.56 2.07 -13.94
C PRO G 153 -11.44 0.79 -14.11
N GLY G 154 -12.39 0.52 -13.19
CA GLY G 154 -13.20 -0.69 -13.25
C GLY G 154 -12.64 -1.90 -12.52
N GLU G 155 -11.35 -1.82 -12.18
CA GLU G 155 -10.77 -2.83 -11.33
C GLU G 155 -11.08 -2.51 -9.88
N SER G 156 -10.78 -3.43 -9.01
CA SER G 156 -10.98 -3.31 -7.59
C SER G 156 -9.62 -3.04 -7.01
N VAL G 157 -9.61 -2.42 -5.83
CA VAL G 157 -8.41 -2.27 -5.06
C VAL G 157 -8.73 -2.40 -3.57
N SER G 158 -7.73 -2.76 -2.77
CA SER G 158 -7.83 -2.80 -1.31
C SER G 158 -6.79 -1.85 -0.69
N ILE G 159 -7.12 -1.24 0.46
N ILE G 159 -7.25 -1.15 0.32
CA ILE G 159 -6.24 -0.33 1.20
CA ILE G 159 -6.45 -0.24 1.09
C ILE G 159 -6.10 -0.80 2.66
C ILE G 159 -6.63 -0.80 2.48
N SER G 160 -4.88 -0.83 3.17
N SER G 160 -5.51 -1.09 3.13
CA SER G 160 -4.65 -1.30 4.53
CA SER G 160 -5.51 -1.62 4.51
C SER G 160 -4.41 -0.20 5.58
C SER G 160 -5.08 -0.53 5.52
N CYS G 161 -4.79 -0.53 6.83
N CYS G 161 -5.03 -0.86 6.82
CA CYS G 161 -4.59 0.30 8.02
CA CYS G 161 -4.74 0.12 7.92
C CYS G 161 -4.32 -0.62 9.22
C CYS G 161 -4.51 -0.57 9.32
N ARG G 162 -3.50 -0.15 10.14
CA ARG G 162 -3.25 -0.82 11.44
C ARG G 162 -3.35 0.20 12.60
N SER G 163 -3.60 -0.31 13.79
CA SER G 163 -3.67 0.50 15.02
C SER G 163 -2.69 -0.17 16.02
N SER G 164 -2.12 0.66 16.90
CA SER G 164 -1.10 0.23 17.88
C SER G 164 -1.73 -0.40 19.10
N LYS G 165 -3.06 -0.32 19.17
CA LYS G 165 -3.84 -0.90 20.26
C LYS G 165 -5.11 -1.47 19.62
N SER G 166 -5.75 -2.44 20.24
CA SER G 166 -6.99 -2.93 19.68
C SER G 166 -8.02 -1.84 19.68
N LEU G 167 -8.80 -1.73 18.57
CA LEU G 167 -9.97 -0.79 18.50
C LEU G 167 -11.28 -1.45 18.83
N LEU G 168 -11.19 -2.69 19.25
CA LEU G 168 -12.35 -3.46 19.71
C LEU G 168 -12.70 -3.07 21.19
N HIS G 169 -13.88 -2.53 21.34
CA HIS G 169 -14.44 -2.09 22.62
C HIS G 169 -15.16 -3.25 23.29
N ARG G 170 -15.24 -3.24 24.61
CA ARG G 170 -16.01 -4.28 25.27
C ARG G 170 -17.50 -4.32 24.85
N ASN G 171 -18.00 -3.37 24.06
CA ASN G 171 -19.40 -3.41 23.68
C ASN G 171 -19.65 -4.15 22.41
N GLY G 172 -18.58 -4.42 21.67
CA GLY G 172 -18.61 -5.38 20.59
C GLY G 172 -18.21 -4.75 19.28
N ASN G 173 -18.33 -3.41 19.23
CA ASN G 173 -18.03 -2.73 17.99
C ASN G 173 -16.58 -2.31 17.98
N THR G 174 -16.15 -2.08 16.73
N THR G 174 -15.99 -2.25 16.80
CA THR G 174 -14.85 -1.58 16.36
CA THR G 174 -14.61 -1.85 16.66
C THR G 174 -15.07 -0.34 15.47
C THR G 174 -14.65 -0.43 16.10
N TYR G 175 -15.75 0.65 16.03
N TYR G 175 -14.00 0.52 16.78
CA TYR G 175 -16.01 1.96 15.43
CA TYR G 175 -14.20 1.93 16.45
C TYR G 175 -14.91 2.47 14.50
C TYR G 175 -13.19 2.45 15.43
N LEU G 176 -15.03 2.04 13.26
N LEU G 176 -13.23 1.80 14.26
CA LEU G 176 -14.04 2.32 12.26
CA LEU G 176 -12.42 2.10 13.10
C LEU G 176 -14.74 2.89 11.02
C LEU G 176 -13.29 2.71 12.00
N PHE G 177 -14.13 3.95 10.48
N PHE G 177 -12.81 3.82 11.42
CA PHE G 177 -14.74 4.75 9.46
CA PHE G 177 -13.55 4.59 10.41
C PHE G 177 -13.74 4.89 8.36
C PHE G 177 -12.66 4.86 9.21
N TRP G 178 -14.18 5.00 7.14
N TRP G 178 -13.25 4.92 8.03
CA TRP G 178 -13.19 5.21 6.14
CA TRP G 178 -12.56 5.29 6.80
C TRP G 178 -13.52 6.54 5.60
C TRP G 178 -13.27 6.51 6.14
N PHE G 179 -12.51 7.41 5.47
CA PHE G 179 -12.89 8.67 4.74
C PHE G 179 -12.14 8.79 3.40
N LEU G 180 -12.74 9.48 2.43
CA LEU G 180 -12.09 9.89 1.20
C LEU G 180 -12.01 11.41 1.24
N GLN G 181 -10.84 11.94 0.96
CA GLN G 181 -10.70 13.39 0.70
C GLN G 181 -10.26 13.57 -0.74
N ARG G 182 -11.18 14.04 -1.57
CA ARG G 182 -10.90 14.32 -2.97
C ARG G 182 -10.15 15.64 -3.05
N PRO G 183 -9.39 15.86 -4.11
CA PRO G 183 -8.63 17.14 -4.17
C PRO G 183 -9.47 18.40 -3.96
N GLY G 184 -9.02 19.28 -3.07
CA GLY G 184 -9.76 20.50 -2.78
C GLY G 184 -11.06 20.35 -1.99
N GLN G 185 -11.43 19.13 -1.57
CA GLN G 185 -12.70 18.93 -0.89
C GLN G 185 -12.49 18.57 0.55
N SER G 186 -13.56 18.68 1.32
CA SER G 186 -13.58 18.19 2.69
CA SER G 186 -13.57 18.19 2.67
C SER G 186 -13.62 16.67 2.67
N PRO G 187 -13.16 16.06 3.77
CA PRO G 187 -13.24 14.61 3.86
C PRO G 187 -14.71 14.17 3.79
N GLN G 188 -14.94 12.99 3.23
CA GLN G 188 -16.24 12.33 3.17
C GLN G 188 -16.13 10.98 3.88
N LEU G 189 -17.10 10.75 4.71
N LEU G 189 -17.02 10.72 4.85
CA LEU G 189 -17.22 9.52 5.41
CA LEU G 189 -17.01 9.43 5.60
C LEU G 189 -17.53 8.37 4.46
C LEU G 189 -17.64 8.31 4.78
N LEU G 190 -16.92 7.20 4.70
CA LEU G 190 -17.26 6.00 3.90
C LEU G 190 -17.69 4.83 4.78
N ILE G 191 -16.91 4.49 5.82
CA ILE G 191 -17.17 3.26 6.61
C ILE G 191 -17.12 3.60 8.09
N TYR G 192 -18.11 3.18 8.88
CA TYR G 192 -18.13 3.36 10.34
C TYR G 192 -18.12 2.03 11.10
N ARG G 193 -17.41 2.04 12.21
CA ARG G 193 -17.19 0.82 13.07
C ARG G 193 -16.79 -0.39 12.27
N MET G 194 -15.79 -0.15 11.44
CA MET G 194 -14.97 -1.15 10.74
CA MET G 194 -14.96 -1.13 10.76
C MET G 194 -15.63 -1.67 9.48
N SER G 195 -16.94 -1.88 9.52
CA SER G 195 -17.57 -2.64 8.39
C SER G 195 -18.88 -2.15 7.85
N ASN G 196 -19.32 -1.01 8.34
CA ASN G 196 -20.67 -0.54 8.04
C ASN G 196 -20.61 0.59 7.06
N LEU G 197 -21.44 0.52 6.05
CA LEU G 197 -21.46 1.57 5.06
C LEU G 197 -22.16 2.79 5.55
N ALA G 198 -21.54 3.96 5.38
CA ALA G 198 -22.14 5.24 5.78
C ALA G 198 -23.16 5.69 4.74
N SER G 199 -24.16 6.42 5.24
CA SER G 199 -25.25 6.90 4.40
C SER G 199 -24.77 7.81 3.28
N GLY G 200 -25.44 7.72 2.12
CA GLY G 200 -25.08 8.52 0.93
C GLY G 200 -23.94 7.89 0.12
N VAL G 201 -23.30 6.86 0.67
CA VAL G 201 -22.03 6.36 0.05
C VAL G 201 -22.39 5.16 -0.83
N PRO G 202 -21.94 5.16 -2.10
CA PRO G 202 -22.21 3.99 -2.95
C PRO G 202 -21.72 2.65 -2.38
N ASP G 203 -22.47 1.60 -2.72
CA ASP G 203 -22.13 0.23 -2.32
C ASP G 203 -21.01 -0.28 -3.24
N ARG G 204 -19.91 0.43 -3.24
CA ARG G 204 -18.73 -0.15 -3.78
C ARG G 204 -17.67 -0.18 -2.76
N PHE G 205 -17.96 0.32 -1.57
CA PHE G 205 -16.97 0.36 -0.55
C PHE G 205 -17.32 -0.63 0.51
N SER G 206 -16.33 -1.33 1.07
CA SER G 206 -16.62 -2.22 2.16
C SER G 206 -15.44 -2.25 3.05
N GLY G 207 -15.63 -2.72 4.26
CA GLY G 207 -14.57 -2.78 5.22
C GLY G 207 -14.53 -4.07 5.98
N SER G 208 -13.35 -4.41 6.48
CA SER G 208 -13.14 -5.63 7.22
C SER G 208 -11.92 -5.42 8.10
N GLY G 209 -11.76 -6.31 9.03
CA GLY G 209 -10.58 -6.25 9.87
C GLY G 209 -10.77 -7.12 11.13
N SER G 210 -9.68 -7.17 11.88
CA SER G 210 -9.58 -7.81 13.18
C SER G 210 -9.55 -6.66 14.19
N GLY G 211 -8.90 -6.88 15.34
CA GLY G 211 -8.72 -5.84 16.35
C GLY G 211 -7.74 -4.73 16.02
N THR G 212 -6.72 -5.03 15.22
CA THR G 212 -5.61 -4.07 15.01
C THR G 212 -5.25 -3.88 13.54
N ALA G 213 -5.98 -4.52 12.64
CA ALA G 213 -5.60 -4.56 11.23
C ALA G 213 -6.88 -4.56 10.43
N PHE G 214 -6.94 -3.65 9.46
CA PHE G 214 -8.18 -3.33 8.74
C PHE G 214 -7.91 -3.11 7.24
N THR G 215 -8.94 -3.29 6.40
CA THR G 215 -8.80 -3.23 5.01
C THR G 215 -10.06 -2.64 4.45
N LEU G 216 -9.92 -1.55 3.69
CA LEU G 216 -10.98 -1.01 2.86
C LEU G 216 -10.89 -1.53 1.46
N ARG G 217 -12.02 -1.95 0.87
CA ARG G 217 -12.00 -2.51 -0.45
C ARG G 217 -12.89 -1.63 -1.28
N ILE G 218 -12.44 -1.24 -2.48
CA ILE G 218 -13.19 -0.41 -3.43
C ILE G 218 -13.39 -1.18 -4.71
N SER G 219 -14.64 -1.44 -5.07
CA SER G 219 -14.87 -2.14 -6.33
C SER G 219 -15.20 -1.18 -7.42
N ARG G 220 -14.94 -1.63 -8.64
CA ARG G 220 -15.23 -0.87 -9.84
C ARG G 220 -14.79 0.62 -9.75
N VAL G 221 -13.47 0.81 -9.62
CA VAL G 221 -12.89 2.15 -9.35
C VAL G 221 -13.14 3.11 -10.54
N GLU G 222 -13.55 4.32 -10.18
CA GLU G 222 -13.85 5.36 -11.15
C GLU G 222 -13.15 6.68 -10.77
N ALA G 223 -13.16 7.64 -11.69
CA ALA G 223 -12.50 8.95 -11.53
C ALA G 223 -12.84 9.66 -10.23
N GLU G 224 -14.10 9.56 -9.79
CA GLU G 224 -14.58 10.21 -8.58
C GLU G 224 -13.96 9.64 -7.31
N ASP G 225 -13.31 8.48 -7.44
CA ASP G 225 -12.69 7.80 -6.31
C ASP G 225 -11.25 8.29 -6.12
N VAL G 226 -10.71 9.07 -7.06
CA VAL G 226 -9.37 9.65 -6.92
C VAL G 226 -9.30 10.61 -5.72
N GLY G 227 -8.30 10.42 -4.89
CA GLY G 227 -8.15 11.21 -3.67
C GLY G 227 -7.39 10.45 -2.62
N VAL G 228 -7.41 10.93 -1.38
CA VAL G 228 -6.71 10.26 -0.29
C VAL G 228 -7.68 9.60 0.66
N TYR G 229 -7.43 8.30 0.90
CA TYR G 229 -8.24 7.50 1.84
C TYR G 229 -7.57 7.42 3.19
N TYR G 230 -8.33 7.77 4.25
CA TYR G 230 -7.86 7.73 5.63
C TYR G 230 -8.67 6.82 6.47
N CYS G 231 -7.95 6.05 7.30
CA CYS G 231 -8.49 5.33 8.45
C CYS G 231 -8.50 6.34 9.66
N MET G 232 -9.60 6.09 10.41
N MET G 232 -9.21 6.05 10.77
CA MET G 232 -10.06 6.77 11.58
CA MET G 232 -9.29 6.93 11.95
C MET G 232 -10.94 5.84 12.47
C MET G 232 -9.88 6.11 13.09
N GLN G 233 -10.63 5.87 13.74
N GLN G 233 -9.36 6.27 14.29
CA GLN G 233 -11.47 5.20 14.72
CA GLN G 233 -10.00 5.63 15.43
C GLN G 233 -12.19 6.25 15.55
C GLN G 233 -10.80 6.63 16.23
N HIS G 234 -13.42 5.93 15.95
N HIS G 234 -11.95 6.20 16.70
CA HIS G 234 -14.21 6.80 16.83
CA HIS G 234 -12.82 7.02 17.55
C HIS G 234 -14.65 6.02 18.06
C HIS G 234 -13.06 6.20 18.85
N LEU G 235 -13.79 5.12 18.52
N LEU G 235 -12.10 5.37 19.23
CA LEU G 235 -14.04 4.32 19.72
CA LEU G 235 -12.22 4.59 20.47
C LEU G 235 -13.64 5.10 20.98
C LEU G 235 -11.94 5.45 21.71
N GLU G 236 -12.43 5.63 20.99
N GLU G 236 -10.80 6.16 21.68
CA GLU G 236 -11.84 6.25 22.18
CA GLU G 236 -10.29 6.91 22.84
C GLU G 236 -11.07 7.56 21.87
C GLU G 236 -9.66 8.22 22.42
N TYR G 237 -11.24 8.59 22.71
N TYR G 237 -9.85 9.26 23.24
CA TYR G 237 -10.47 9.82 22.58
CA TYR G 237 -9.15 10.53 23.04
C TYR G 237 -8.98 9.53 22.81
C TYR G 237 -7.65 10.38 23.26
N PRO G 238 -8.10 10.22 22.08
N PRO G 238 -6.83 11.11 22.47
CA PRO G 238 -8.43 11.11 20.96
CA PRO G 238 -7.25 11.90 21.33
C PRO G 238 -8.73 10.28 19.74
C PRO G 238 -7.55 11.00 20.12
N TYR G 239 -9.70 10.71 18.93
N TYR G 239 -8.55 11.34 19.32
CA TYR G 239 -9.95 10.02 17.68
CA TYR G 239 -8.81 10.56 18.12
C TYR G 239 -8.73 10.16 16.79
C TYR G 239 -7.64 10.78 17.17
N THR G 240 -8.47 9.12 16.00
N THR G 240 -7.29 9.74 16.42
CA THR G 240 -7.22 9.01 15.28
CA THR G 240 -6.06 9.73 15.61
C THR G 240 -7.43 8.52 13.88
C THR G 240 -6.37 9.12 14.25
N PHE G 241 -6.57 9.09 13.01
N PHE G 241 -5.63 9.58 13.24
CA PHE G 241 -6.42 8.77 11.60
CA PHE G 241 -5.84 9.18 11.88
C PHE G 241 -4.97 8.31 11.34
C PHE G 241 -4.65 8.35 11.34
N GLY G 242 -4.90 7.48 10.35
CA GLY G 242 -3.70 6.96 9.64
C GLY G 242 -3.10 7.99 8.71
N SER G 243 -2.02 7.63 8.05
CA SER G 243 -1.26 8.58 7.29
C SER G 243 -1.87 8.83 5.88
N GLY G 244 -2.88 8.05 5.49
CA GLY G 244 -3.52 8.18 4.17
C GLY G 244 -2.91 7.35 3.08
N THR G 245 -3.78 6.87 2.20
CA THR G 245 -3.38 6.19 0.97
C THR G 245 -4.01 6.89 -0.21
N LYS G 246 -3.16 7.41 -1.11
CA LYS G 246 -3.63 8.17 -2.27
C LYS G 246 -3.97 7.21 -3.41
N LEU G 247 -5.19 7.25 -3.91
CA LEU G 247 -5.59 6.46 -5.05
C LEU G 247 -5.38 7.29 -6.33
N GLU G 248 -4.67 6.69 -7.27
CA GLU G 248 -4.43 7.26 -8.60
C GLU G 248 -4.92 6.28 -9.66
N LEU G 249 -5.45 6.80 -10.77
CA LEU G 249 -5.72 5.98 -11.94
C LEU G 249 -4.44 5.78 -12.79
N ASN H 3 -24.29 11.46 25.18
CA ASN H 3 -23.57 11.80 26.46
C ASN H 3 -22.95 13.21 26.50
N TYR H 4 -23.12 13.90 27.61
CA TYR H 4 -22.78 15.33 27.71
C TYR H 4 -21.30 15.64 27.99
N TYR H 5 -20.64 14.61 28.51
N TYR H 5 -20.46 14.65 28.34
CA TYR H 5 -19.28 14.67 28.92
CA TYR H 5 -19.09 14.92 28.92
C TYR H 5 -18.41 14.10 27.79
C TYR H 5 -17.80 14.39 28.18
N THR H 6 -18.99 13.31 26.87
N THR H 6 -17.97 13.28 27.47
CA THR H 6 -18.20 12.64 25.80
CA THR H 6 -17.01 12.82 26.47
C THR H 6 -18.96 12.21 24.53
C THR H 6 -17.81 12.28 25.27
N SER H 7 -18.29 12.28 23.37
N SER H 7 -17.24 12.41 24.06
CA SER H 7 -18.85 11.78 22.13
CA SER H 7 -17.80 11.77 22.86
C SER H 7 -18.54 10.29 21.90
C SER H 7 -17.34 10.30 22.69
N GLU H 8 -17.73 9.71 22.80
N GLU H 8 -16.43 9.85 23.55
CA GLU H 8 -17.35 8.29 22.72
CA GLU H 8 -15.88 8.50 23.46
C GLU H 8 -18.53 7.38 22.92
C GLU H 8 -17.00 7.47 23.69
N PRO H 9 -18.64 6.34 22.09
N PRO H 9 -16.95 6.33 23.00
CA PRO H 9 -19.75 5.39 22.20
CA PRO H 9 -17.94 5.27 23.21
C PRO H 9 -19.72 4.60 23.52
C PRO H 9 -17.78 4.60 24.58
#